data_1S2R
# 
_entry.id   1S2R 
# 
_audit_conform.dict_name       mmcif_pdbx.dic 
_audit_conform.dict_version    5.386 
_audit_conform.dict_location   http://mmcif.pdb.org/dictionaries/ascii/mmcif_pdbx.dic 
# 
loop_
_database_2.database_id 
_database_2.database_code 
_database_2.pdbx_database_accession 
_database_2.pdbx_DOI 
PDB   1S2R         pdb_00001s2r 10.2210/pdb1s2r/pdb 
NDB   BD0067       ?            ?                   
RCSB  RCSB021293   ?            ?                   
WWPDB D_1000021293 ?            ?                   
# 
loop_
_pdbx_audit_revision_history.ordinal 
_pdbx_audit_revision_history.data_content_type 
_pdbx_audit_revision_history.major_revision 
_pdbx_audit_revision_history.minor_revision 
_pdbx_audit_revision_history.revision_date 
1 'Structure model' 1 0 2005-01-04 
2 'Structure model' 1 1 2008-04-29 
3 'Structure model' 1 2 2011-07-13 
4 'Structure model' 1 3 2024-02-14 
# 
_pdbx_audit_revision_details.ordinal             1 
_pdbx_audit_revision_details.revision_ordinal    1 
_pdbx_audit_revision_details.data_content_type   'Structure model' 
_pdbx_audit_revision_details.provider            repository 
_pdbx_audit_revision_details.type                'Initial release' 
_pdbx_audit_revision_details.description         ? 
_pdbx_audit_revision_details.details             ? 
# 
loop_
_pdbx_audit_revision_group.ordinal 
_pdbx_audit_revision_group.revision_ordinal 
_pdbx_audit_revision_group.data_content_type 
_pdbx_audit_revision_group.group 
1 2 'Structure model' 'Version format compliance' 
2 3 'Structure model' 'Version format compliance' 
3 4 'Structure model' 'Data collection'           
4 4 'Structure model' 'Database references'       
5 4 'Structure model' 'Derived calculations'      
# 
loop_
_pdbx_audit_revision_category.ordinal 
_pdbx_audit_revision_category.revision_ordinal 
_pdbx_audit_revision_category.data_content_type 
_pdbx_audit_revision_category.category 
1 4 'Structure model' chem_comp_atom 
2 4 'Structure model' chem_comp_bond 
3 4 'Structure model' database_2     
4 4 'Structure model' struct_site    
# 
loop_
_pdbx_audit_revision_item.ordinal 
_pdbx_audit_revision_item.revision_ordinal 
_pdbx_audit_revision_item.data_content_type 
_pdbx_audit_revision_item.item 
1 4 'Structure model' '_database_2.pdbx_DOI'                
2 4 'Structure model' '_database_2.pdbx_database_accession' 
3 4 'Structure model' '_struct_site.pdbx_auth_asym_id'      
4 4 'Structure model' '_struct_site.pdbx_auth_comp_id'      
5 4 'Structure model' '_struct_site.pdbx_auth_seq_id'       
# 
_pdbx_database_status.status_code                     REL 
_pdbx_database_status.entry_id                        1S2R 
_pdbx_database_status.recvd_initial_deposition_date   2004-01-09 
_pdbx_database_status.deposit_site                    RCSB 
_pdbx_database_status.process_site                    RCSB 
_pdbx_database_status.status_code_sf                  REL 
_pdbx_database_status.status_code_mr                  ? 
_pdbx_database_status.SG_entry                        ? 
_pdbx_database_status.pdb_format_compatible           Y 
_pdbx_database_status.status_code_cs                  ? 
_pdbx_database_status.status_code_nmr_data            ? 
_pdbx_database_status.methods_development_category    ? 
# 
loop_
_audit_author.name 
_audit_author.pdbx_ordinal 
'Woods, K.K.'    1 
'Maehigashi, T.' 2 
'Howerton, S.B.' 3 
'Tannenbaum, S.' 4 
'Williams, L.D.' 5 
# 
_citation.id                        primary 
_citation.title                     'High-resolution structure of an extended A-tract: [d(CGCAAATTTGCG)]2.' 
_citation.journal_abbrev            J.Am.Chem.Soc. 
_citation.journal_volume            126 
_citation.page_first                15330 
_citation.page_last                 15331 
_citation.year                      2004 
_citation.journal_id_ASTM           JACSAT 
_citation.country                   US 
_citation.journal_id_ISSN           0002-7863 
_citation.journal_id_CSD            0004 
_citation.book_publisher            ? 
_citation.pdbx_database_id_PubMed   15563130 
_citation.pdbx_database_id_DOI      10.1021/ja045207x 
# 
loop_
_citation_author.citation_id 
_citation_author.name 
_citation_author.ordinal 
_citation_author.identifier_ORCID 
primary 'Woods, K.K.'    1 ? 
primary 'Maehigashi, T.' 2 ? 
primary 'Howerton, S.B.' 3 ? 
primary 'Sines, C.C.'    4 ? 
primary 'Tannenbaum, S.' 5 ? 
primary 'Williams, L.D.' 6 ? 
# 
loop_
_entity.id 
_entity.type 
_entity.src_method 
_entity.pdbx_description 
_entity.formula_weight 
_entity.pdbx_number_of_molecules 
_entity.pdbx_ec 
_entity.pdbx_mutation 
_entity.pdbx_fragment 
_entity.details 
1 polymer     syn "5'-D(*CP*GP*CP*AP*AP*AP*TP*TP*TP*GP*CP*G)-3'" 3662.404 2   ? ? ? ? 
2 non-polymer syn SPERMINE                                       202.340  2   ? ? ? ? 
3 water       nat water                                          18.015   174 ? ? ? ? 
# 
_entity_poly.entity_id                      1 
_entity_poly.type                           polydeoxyribonucleotide 
_entity_poly.nstd_linkage                   no 
_entity_poly.nstd_monomer                   no 
_entity_poly.pdbx_seq_one_letter_code       '(DC)(DG)(DC)(DA)(DA)(DA)(DT)(DT)(DT)(DG)(DC)(DG)' 
_entity_poly.pdbx_seq_one_letter_code_can   CGCAAATTTGCG 
_entity_poly.pdbx_strand_id                 A,B 
_entity_poly.pdbx_target_identifier         ? 
# 
loop_
_pdbx_entity_nonpoly.entity_id 
_pdbx_entity_nonpoly.name 
_pdbx_entity_nonpoly.comp_id 
2 SPERMINE SPM 
3 water    HOH 
# 
loop_
_entity_poly_seq.entity_id 
_entity_poly_seq.num 
_entity_poly_seq.mon_id 
_entity_poly_seq.hetero 
1 1  DC n 
1 2  DG n 
1 3  DC n 
1 4  DA n 
1 5  DA n 
1 6  DA n 
1 7  DT n 
1 8  DT n 
1 9  DT n 
1 10 DG n 
1 11 DC n 
1 12 DG n 
# 
loop_
_chem_comp.id 
_chem_comp.type 
_chem_comp.mon_nstd_flag 
_chem_comp.name 
_chem_comp.pdbx_synonyms 
_chem_comp.formula 
_chem_comp.formula_weight 
DA  'DNA linking' y "2'-DEOXYADENOSINE-5'-MONOPHOSPHATE" ? 'C10 H14 N5 O6 P' 331.222 
DC  'DNA linking' y "2'-DEOXYCYTIDINE-5'-MONOPHOSPHATE"  ? 'C9 H14 N3 O7 P'  307.197 
DG  'DNA linking' y "2'-DEOXYGUANOSINE-5'-MONOPHOSPHATE" ? 'C10 H14 N5 O7 P' 347.221 
DT  'DNA linking' y "THYMIDINE-5'-MONOPHOSPHATE"         ? 'C10 H15 N2 O8 P' 322.208 
HOH non-polymer   . WATER                                ? 'H2 O'            18.015  
SPM non-polymer   . SPERMINE                             ? 'C10 H26 N4'      202.340 
# 
loop_
_pdbx_poly_seq_scheme.asym_id 
_pdbx_poly_seq_scheme.entity_id 
_pdbx_poly_seq_scheme.seq_id 
_pdbx_poly_seq_scheme.mon_id 
_pdbx_poly_seq_scheme.ndb_seq_num 
_pdbx_poly_seq_scheme.pdb_seq_num 
_pdbx_poly_seq_scheme.auth_seq_num 
_pdbx_poly_seq_scheme.pdb_mon_id 
_pdbx_poly_seq_scheme.auth_mon_id 
_pdbx_poly_seq_scheme.pdb_strand_id 
_pdbx_poly_seq_scheme.pdb_ins_code 
_pdbx_poly_seq_scheme.hetero 
A 1 1  DC 1  1  1  DC C A . n 
A 1 2  DG 2  2  2  DG G A . n 
A 1 3  DC 3  3  3  DC C A . n 
A 1 4  DA 4  4  4  DA A A . n 
A 1 5  DA 5  5  5  DA A A . n 
A 1 6  DA 6  6  6  DA A A . n 
A 1 7  DT 7  7  7  DT T A . n 
A 1 8  DT 8  8  8  DT T A . n 
A 1 9  DT 9  9  9  DT T A . n 
A 1 10 DG 10 10 10 DG G A . n 
A 1 11 DC 11 11 11 DC C A . n 
A 1 12 DG 12 12 12 DG G A . n 
B 1 1  DC 1  13 13 DC C B . n 
B 1 2  DG 2  14 14 DG G B . n 
B 1 3  DC 3  15 15 DC C B . n 
B 1 4  DA 4  16 16 DA A B . n 
B 1 5  DA 5  17 17 DA A B . n 
B 1 6  DA 6  18 18 DA A B . n 
B 1 7  DT 7  19 19 DT T B . n 
B 1 8  DT 8  20 20 DT T B . n 
B 1 9  DT 9  21 21 DT T B . n 
B 1 10 DG 10 22 22 DG G B . n 
B 1 11 DC 11 23 23 DC C B . n 
B 1 12 DG 12 24 24 DG G B . n 
# 
loop_
_pdbx_nonpoly_scheme.asym_id 
_pdbx_nonpoly_scheme.entity_id 
_pdbx_nonpoly_scheme.mon_id 
_pdbx_nonpoly_scheme.ndb_seq_num 
_pdbx_nonpoly_scheme.pdb_seq_num 
_pdbx_nonpoly_scheme.auth_seq_num 
_pdbx_nonpoly_scheme.pdb_mon_id 
_pdbx_nonpoly_scheme.auth_mon_id 
_pdbx_nonpoly_scheme.pdb_strand_id 
_pdbx_nonpoly_scheme.pdb_ins_code 
C 2 SPM 1  26  26  SPM SPM A . 
D 2 SPM 1  25  25  SPM SPM B . 
E 3 HOH 1  27  27  HOH HOH A . 
E 3 HOH 2  29  29  HOH HOH A . 
E 3 HOH 3  30  30  HOH HOH A . 
E 3 HOH 4  31  31  HOH HOH A . 
E 3 HOH 5  33  33  HOH HOH A . 
E 3 HOH 6  34  34  HOH HOH A . 
E 3 HOH 7  36  36  HOH HOH A . 
E 3 HOH 8  37  37  HOH HOH A . 
E 3 HOH 9  41  41  HOH HOH A . 
E 3 HOH 10 42  42  HOH HOH A . 
E 3 HOH 11 43  43  HOH HOH A . 
E 3 HOH 12 44  44  HOH HOH A . 
E 3 HOH 13 45  45  HOH HOH A . 
E 3 HOH 14 46  46  HOH HOH A . 
E 3 HOH 15 48  48  HOH HOH A . 
E 3 HOH 16 49  49  HOH HOH A . 
E 3 HOH 17 50  50  HOH HOH A . 
E 3 HOH 18 52  52  HOH HOH A . 
E 3 HOH 19 56  56  HOH HOH A . 
E 3 HOH 20 57  57  HOH HOH A . 
E 3 HOH 21 58  58  HOH HOH A . 
E 3 HOH 22 61  61  HOH HOH A . 
E 3 HOH 23 64  64  HOH HOH A . 
E 3 HOH 24 65  65  HOH HOH A . 
E 3 HOH 25 67  67  HOH HOH A . 
E 3 HOH 26 69  69  HOH HOH A . 
E 3 HOH 27 70  70  HOH HOH A . 
E 3 HOH 28 71  71  HOH HOH A . 
E 3 HOH 29 72  72  HOH HOH A . 
E 3 HOH 30 79  79  HOH HOH A . 
E 3 HOH 31 80  80  HOH HOH A . 
E 3 HOH 32 83  83  HOH HOH A . 
E 3 HOH 33 84  84  HOH HOH A . 
E 3 HOH 34 88  88  HOH HOH A . 
E 3 HOH 35 89  89  HOH HOH A . 
E 3 HOH 36 91  91  HOH HOH A . 
E 3 HOH 37 92  92  HOH HOH A . 
E 3 HOH 38 93  93  HOH HOH A . 
E 3 HOH 39 94  94  HOH HOH A . 
E 3 HOH 40 95  95  HOH HOH A . 
E 3 HOH 41 98  98  HOH HOH A . 
E 3 HOH 42 100 100 HOH HOH A . 
E 3 HOH 43 101 101 HOH HOH A . 
E 3 HOH 44 102 102 HOH HOH A . 
E 3 HOH 45 106 106 HOH HOH A . 
E 3 HOH 46 108 108 HOH HOH A . 
E 3 HOH 47 112 112 HOH HOH A . 
E 3 HOH 48 113 113 HOH HOH A . 
E 3 HOH 49 114 114 HOH HOH A . 
E 3 HOH 50 119 119 HOH HOH A . 
E 3 HOH 51 120 120 HOH HOH A . 
E 3 HOH 52 121 121 HOH HOH A . 
E 3 HOH 53 122 122 HOH HOH A . 
E 3 HOH 54 124 124 HOH HOH A . 
E 3 HOH 55 126 126 HOH HOH A . 
E 3 HOH 56 127 127 HOH HOH A . 
E 3 HOH 57 128 128 HOH HOH A . 
E 3 HOH 58 129 129 HOH HOH A . 
E 3 HOH 59 130 130 HOH HOH A . 
E 3 HOH 60 136 136 HOH HOH A . 
E 3 HOH 61 141 141 HOH HOH A . 
E 3 HOH 62 142 142 HOH HOH A . 
E 3 HOH 63 143 143 HOH HOH A . 
E 3 HOH 64 144 144 HOH HOH A . 
E 3 HOH 65 150 150 HOH HOH A . 
E 3 HOH 66 152 152 HOH HOH A . 
E 3 HOH 67 155 155 HOH HOH A . 
E 3 HOH 68 156 156 HOH HOH A . 
E 3 HOH 69 157 157 HOH HOH A . 
E 3 HOH 70 162 162 HOH HOH A . 
E 3 HOH 71 170 170 HOH HOH A . 
E 3 HOH 72 171 171 HOH HOH A . 
E 3 HOH 73 173 173 HOH HOH A . 
E 3 HOH 74 174 174 HOH HOH A . 
E 3 HOH 75 181 181 HOH HOH A . 
E 3 HOH 76 183 183 HOH HOH A . 
E 3 HOH 77 185 185 HOH HOH A . 
E 3 HOH 78 187 187 HOH HOH A . 
E 3 HOH 79 188 188 HOH HOH A . 
E 3 HOH 80 189 189 HOH HOH A . 
E 3 HOH 81 192 192 HOH HOH A . 
E 3 HOH 82 193 193 HOH HOH A . 
E 3 HOH 83 194 194 HOH HOH A . 
E 3 HOH 84 197 197 HOH HOH A . 
E 3 HOH 85 199 199 HOH HOH A . 
E 3 HOH 86 202 202 HOH HOH A . 
F 3 HOH 1  28  28  HOH HOH B . 
F 3 HOH 2  32  32  HOH HOH B . 
F 3 HOH 3  35  35  HOH HOH B . 
F 3 HOH 4  38  38  HOH HOH B . 
F 3 HOH 5  39  39  HOH HOH B . 
F 3 HOH 6  40  40  HOH HOH B . 
F 3 HOH 7  47  47  HOH HOH B . 
F 3 HOH 8  51  51  HOH HOH B . 
F 3 HOH 9  53  53  HOH HOH B . 
F 3 HOH 10 54  54  HOH HOH B . 
F 3 HOH 11 55  55  HOH HOH B . 
F 3 HOH 12 59  59  HOH HOH B . 
F 3 HOH 13 60  60  HOH HOH B . 
F 3 HOH 14 62  62  HOH HOH B . 
F 3 HOH 15 63  63  HOH HOH B . 
F 3 HOH 16 66  66  HOH HOH B . 
F 3 HOH 17 68  68  HOH HOH B . 
F 3 HOH 18 73  73  HOH HOH B . 
F 3 HOH 19 74  74  HOH HOH B . 
F 3 HOH 20 75  75  HOH HOH B . 
F 3 HOH 21 76  76  HOH HOH B . 
F 3 HOH 22 77  77  HOH HOH B . 
F 3 HOH 23 78  78  HOH HOH B . 
F 3 HOH 24 81  81  HOH HOH B . 
F 3 HOH 25 82  82  HOH HOH B . 
F 3 HOH 26 85  85  HOH HOH B . 
F 3 HOH 27 86  86  HOH HOH B . 
F 3 HOH 28 87  87  HOH HOH B . 
F 3 HOH 29 90  90  HOH HOH B . 
F 3 HOH 30 96  96  HOH HOH B . 
F 3 HOH 31 97  97  HOH HOH B . 
F 3 HOH 32 99  99  HOH HOH B . 
F 3 HOH 33 103 103 HOH HOH B . 
F 3 HOH 34 104 104 HOH HOH B . 
F 3 HOH 35 105 105 HOH HOH B . 
F 3 HOH 36 107 107 HOH HOH B . 
F 3 HOH 37 109 109 HOH HOH B . 
F 3 HOH 38 110 110 HOH HOH B . 
F 3 HOH 39 111 111 HOH HOH B . 
F 3 HOH 40 115 115 HOH HOH B . 
F 3 HOH 41 116 116 HOH HOH B . 
F 3 HOH 42 117 117 HOH HOH B . 
F 3 HOH 43 118 118 HOH HOH B . 
F 3 HOH 44 123 123 HOH HOH B . 
F 3 HOH 45 125 125 HOH HOH B . 
F 3 HOH 46 131 131 HOH HOH B . 
F 3 HOH 47 134 134 HOH HOH B . 
F 3 HOH 48 135 135 HOH HOH B . 
F 3 HOH 49 137 137 HOH HOH B . 
F 3 HOH 50 138 138 HOH HOH B . 
F 3 HOH 51 139 139 HOH HOH B . 
F 3 HOH 52 140 140 HOH HOH B . 
F 3 HOH 53 145 145 HOH HOH B . 
F 3 HOH 54 146 146 HOH HOH B . 
F 3 HOH 55 147 147 HOH HOH B . 
F 3 HOH 56 148 148 HOH HOH B . 
F 3 HOH 57 149 149 HOH HOH B . 
F 3 HOH 58 151 151 HOH HOH B . 
F 3 HOH 59 153 153 HOH HOH B . 
F 3 HOH 60 154 154 HOH HOH B . 
F 3 HOH 61 158 158 HOH HOH B . 
F 3 HOH 62 159 159 HOH HOH B . 
F 3 HOH 63 160 160 HOH HOH B . 
F 3 HOH 64 161 161 HOH HOH B . 
F 3 HOH 65 163 163 HOH HOH B . 
F 3 HOH 66 164 164 HOH HOH B . 
F 3 HOH 67 165 165 HOH HOH B . 
F 3 HOH 68 166 166 HOH HOH B . 
F 3 HOH 69 167 167 HOH HOH B . 
F 3 HOH 70 168 168 HOH HOH B . 
F 3 HOH 71 169 169 HOH HOH B . 
F 3 HOH 72 172 172 HOH HOH B . 
F 3 HOH 73 175 175 HOH HOH B . 
F 3 HOH 74 176 176 HOH HOH B . 
F 3 HOH 75 177 177 HOH HOH B . 
F 3 HOH 76 178 178 HOH HOH B . 
F 3 HOH 77 179 179 HOH HOH B . 
F 3 HOH 78 180 180 HOH HOH B . 
F 3 HOH 79 182 182 HOH HOH B . 
F 3 HOH 80 184 184 HOH HOH B . 
F 3 HOH 81 186 186 HOH HOH B . 
F 3 HOH 82 190 190 HOH HOH B . 
F 3 HOH 83 191 191 HOH HOH B . 
F 3 HOH 84 195 195 HOH HOH B . 
F 3 HOH 85 196 196 HOH HOH B . 
F 3 HOH 86 198 198 HOH HOH B . 
F 3 HOH 87 200 200 HOH HOH B . 
F 3 HOH 88 201 201 HOH HOH B . 
# 
loop_
_pdbx_unobs_or_zero_occ_atoms.id 
_pdbx_unobs_or_zero_occ_atoms.PDB_model_num 
_pdbx_unobs_or_zero_occ_atoms.polymer_flag 
_pdbx_unobs_or_zero_occ_atoms.occupancy_flag 
_pdbx_unobs_or_zero_occ_atoms.auth_asym_id 
_pdbx_unobs_or_zero_occ_atoms.auth_comp_id 
_pdbx_unobs_or_zero_occ_atoms.auth_seq_id 
_pdbx_unobs_or_zero_occ_atoms.PDB_ins_code 
_pdbx_unobs_or_zero_occ_atoms.auth_atom_id 
_pdbx_unobs_or_zero_occ_atoms.label_alt_id 
_pdbx_unobs_or_zero_occ_atoms.label_asym_id 
_pdbx_unobs_or_zero_occ_atoms.label_comp_id 
_pdbx_unobs_or_zero_occ_atoms.label_seq_id 
_pdbx_unobs_or_zero_occ_atoms.label_atom_id 
1  1 N 1 A SPM 26 ? C9  ? C SPM 1 C9  
2  1 N 1 A SPM 26 ? N10 ? C SPM 1 N10 
3  1 N 1 A SPM 26 ? C11 ? C SPM 1 C11 
4  1 N 1 A SPM 26 ? C12 ? C SPM 1 C12 
5  1 N 1 A SPM 26 ? C13 ? C SPM 1 C13 
6  1 N 1 A SPM 26 ? N14 ? C SPM 1 N14 
7  1 N 1 B SPM 25 ? C9  ? D SPM 1 C9  
8  1 N 1 B SPM 25 ? N10 ? D SPM 1 N10 
9  1 N 1 B SPM 25 ? C11 ? D SPM 1 C11 
10 1 N 1 B SPM 25 ? C12 ? D SPM 1 C12 
11 1 N 1 B SPM 25 ? C13 ? D SPM 1 C13 
12 1 N 1 B SPM 25 ? N14 ? D SPM 1 N14 
13 1 N 0 B SPM 25 ? C8  ? D SPM ? C8  
# 
loop_
_software.name 
_software.classification 
_software.version 
_software.citation_id 
_software.pdbx_ordinal 
DENZO  'data reduction' . ? 1 
MOSFLM 'data reduction' . ? 2 
CNS    refinement       . ? 3 
CNS    phasing          . ? 4 
# 
_cell.entry_id           1S2R 
_cell.length_a           24.809 
_cell.length_b           41.960 
_cell.length_c           66.779 
_cell.angle_alpha        90.00 
_cell.angle_beta         90.00 
_cell.angle_gamma        90.00 
_cell.Z_PDB              8 
_cell.pdbx_unique_axis   ? 
# 
_symmetry.entry_id                         1S2R 
_symmetry.space_group_name_H-M             'P 21 21 21' 
_symmetry.pdbx_full_space_group_name_H-M   ? 
_symmetry.cell_setting                     ? 
_symmetry.Int_Tables_number                19 
_symmetry.space_group_name_Hall            ? 
# 
_exptl.entry_id          1S2R 
_exptl.method            'X-RAY DIFFRACTION' 
_exptl.crystals_number   1 
# 
_exptl_crystal.id                    1 
_exptl_crystal.density_meas          ? 
_exptl_crystal.density_Matthews      2.37 
_exptl_crystal.density_percent_sol   48.16 
_exptl_crystal.description           ? 
_exptl_crystal.F_000                 ? 
_exptl_crystal.preparation           ? 
# 
_exptl_crystal_grow.crystal_id      1 
_exptl_crystal_grow.method          'VAPOR DIFFUSION, SITTING DROP' 
_exptl_crystal_grow.temp            295 
_exptl_crystal_grow.temp_details    ? 
_exptl_crystal_grow.pH              6.5 
_exptl_crystal_grow.pdbx_details    
'lithium cacodylate, magnesium chloride, MPD, spermine tetrahydrochloride, pH 6.5, VAPOR DIFFUSION, SITTING DROP, temperature 295K' 
_exptl_crystal_grow.pdbx_pH_range   . 
# 
loop_
_exptl_crystal_grow_comp.crystal_id 
_exptl_crystal_grow_comp.id 
_exptl_crystal_grow_comp.sol_id 
_exptl_crystal_grow_comp.name 
_exptl_crystal_grow_comp.volume 
_exptl_crystal_grow_comp.conc 
_exptl_crystal_grow_comp.details 
1 1 1 'lithium cacodylate'          ? ? ? 
1 2 1 MgCl2                         ? ? ? 
1 3 1 MPD                           ? ? ? 
1 4 1 'spermine tetrahydrochloride' ? ? ? 
1 5 2 MgCl2                         ? ? ? 
1 6 2 MPD                           ? ? ? 
# 
_diffrn.id                     1 
_diffrn.ambient_temp           175 
_diffrn.ambient_temp_details   ? 
_diffrn.crystal_id             1 
# 
_diffrn_detector.diffrn_id              1 
_diffrn_detector.detector               CCD 
_diffrn_detector.type                   'ADSC QUANTUM 4' 
_diffrn_detector.pdbx_collection_date   1998-07-01 
_diffrn_detector.details                ? 
# 
_diffrn_radiation.diffrn_id                        1 
_diffrn_radiation.wavelength_id                    1 
_diffrn_radiation.pdbx_monochromatic_or_laue_m_l   M 
_diffrn_radiation.monochromator                    1.1 
_diffrn_radiation.pdbx_diffrn_protocol             'SINGLE WAVELENGTH' 
_diffrn_radiation.pdbx_scattering_type             x-ray 
# 
_diffrn_radiation_wavelength.id           1 
_diffrn_radiation_wavelength.wavelength   1.1 
_diffrn_radiation_wavelength.wt           1.0 
# 
_diffrn_source.diffrn_id                   1 
_diffrn_source.source                      SYNCHROTRON 
_diffrn_source.type                        'NSLS BEAMLINE X26C' 
_diffrn_source.pdbx_synchrotron_site       NSLS 
_diffrn_source.pdbx_synchrotron_beamline   X26C 
_diffrn_source.pdbx_wavelength             ? 
_diffrn_source.pdbx_wavelength_list        1.1 
# 
_reflns.entry_id                     1S2R 
_reflns.observed_criterion_sigma_I   ? 
_reflns.observed_criterion_sigma_F   ? 
_reflns.d_resolution_low             35 
_reflns.d_resolution_high            1.53 
_reflns.number_obs                   10330 
_reflns.number_all                   11727 
_reflns.percent_possible_obs         ? 
_reflns.pdbx_Rmerge_I_obs            ? 
_reflns.pdbx_Rsym_value              ? 
_reflns.pdbx_netI_over_sigmaI        ? 
_reflns.B_iso_Wilson_estimate        10.9 
_reflns.pdbx_redundancy              ? 
_reflns.R_free_details               ? 
_reflns.pdbx_chi_squared             ? 
_reflns.pdbx_scaling_rejects         ? 
_reflns.pdbx_diffrn_id               1 
_reflns.pdbx_ordinal                 1 
# 
_refine.entry_id                                 1S2R 
_refine.ls_number_reflns_obs                     10330 
_refine.ls_number_reflns_all                     ? 
_refine.pdbx_ls_sigma_I                          ? 
_refine.pdbx_ls_sigma_F                          3.0 
_refine.pdbx_data_cutoff_high_absF               725504.05 
_refine.pdbx_data_cutoff_low_absF                0.000000 
_refine.pdbx_data_cutoff_high_rms_absF           ? 
_refine.ls_d_res_low                             26.13 
_refine.ls_d_res_high                            1.53 
_refine.ls_percent_reflns_obs                    93.3 
_refine.ls_R_factor_obs                          0.199 
_refine.ls_R_factor_all                          ? 
_refine.ls_R_factor_R_work                       0.199 
_refine.ls_R_factor_R_free                       0.236 
_refine.ls_R_factor_R_free_error                 0.007 
_refine.ls_R_factor_R_free_error_details         ? 
_refine.ls_percent_reflns_R_free                 10.3 
_refine.ls_number_reflns_R_free                  1063 
_refine.ls_number_parameters                     ? 
_refine.ls_number_restraints                     ? 
_refine.occupancy_min                            ? 
_refine.occupancy_max                            ? 
_refine.correlation_coeff_Fo_to_Fc               ? 
_refine.correlation_coeff_Fo_to_Fc_free          ? 
_refine.B_iso_mean                               21.1 
_refine.aniso_B[1][1]                            0.45 
_refine.aniso_B[2][2]                            2.46 
_refine.aniso_B[3][3]                            -2.91 
_refine.aniso_B[1][2]                            0.00 
_refine.aniso_B[1][3]                            0.00 
_refine.aniso_B[2][3]                            0.00 
_refine.solvent_model_details                    'FLAT MODEL' 
_refine.solvent_model_param_ksol                 0.337511 
_refine.solvent_model_param_bsol                 76.9721 
_refine.pdbx_solvent_vdw_probe_radii             ? 
_refine.pdbx_solvent_ion_probe_radii             ? 
_refine.pdbx_solvent_shrinkage_radii             ? 
_refine.pdbx_ls_cross_valid_method               THROUGHOUT 
_refine.details                                  ? 
_refine.pdbx_starting_model                      ? 
_refine.pdbx_method_to_determine_struct          'MOLECULAR REPLACEMENT' 
_refine.pdbx_isotropic_thermal_model             RESTRAINED 
_refine.pdbx_stereochemistry_target_values       ? 
_refine.pdbx_stereochem_target_val_spec_case     ? 
_refine.pdbx_R_Free_selection_details            RANDOM 
_refine.pdbx_overall_ESU_R                       ? 
_refine.pdbx_overall_ESU_R_Free                  ? 
_refine.overall_SU_ML                            ? 
_refine.overall_SU_B                             ? 
_refine.ls_redundancy_reflns_obs                 ? 
_refine.overall_SU_R_Cruickshank_DPI             ? 
_refine.overall_SU_R_free                        ? 
_refine.ls_wR_factor_R_free                      ? 
_refine.ls_wR_factor_R_work                      ? 
_refine.overall_FOM_free_R_set                   ? 
_refine.overall_FOM_work_R_set                   ? 
_refine.pdbx_refine_id                           'X-RAY DIFFRACTION' 
_refine.pdbx_diffrn_id                           1 
_refine.pdbx_TLS_residual_ADP_flag               ? 
_refine.pdbx_overall_phase_error                 ? 
_refine.pdbx_overall_SU_R_free_Cruickshank_DPI   ? 
_refine.pdbx_overall_SU_R_Blow_DPI               ? 
_refine.pdbx_overall_SU_R_free_Blow_DPI          ? 
# 
_refine_analyze.entry_id                        1S2R 
_refine_analyze.Luzzati_coordinate_error_obs    0.16 
_refine_analyze.Luzzati_sigma_a_obs             -0.04 
_refine_analyze.Luzzati_d_res_low_obs           5.00 
_refine_analyze.Luzzati_coordinate_error_free   0.21 
_refine_analyze.Luzzati_sigma_a_free            0.06 
_refine_analyze.Luzzati_d_res_low_free          ? 
_refine_analyze.number_disordered_residues      ? 
_refine_analyze.occupancy_sum_hydrogen          ? 
_refine_analyze.occupancy_sum_non_hydrogen      ? 
_refine_analyze.pdbx_refine_id                  'X-RAY DIFFRACTION' 
# 
_refine_hist.pdbx_refine_id                   'X-RAY DIFFRACTION' 
_refine_hist.cycle_id                         LAST 
_refine_hist.pdbx_number_atoms_protein        0 
_refine_hist.pdbx_number_atoms_nucleic_acid   486 
_refine_hist.pdbx_number_atoms_ligand         16 
_refine_hist.number_atoms_solvent             174 
_refine_hist.number_atoms_total               676 
_refine_hist.d_res_high                       1.53 
_refine_hist.d_res_low                        26.13 
# 
loop_
_refine_ls_restr.type 
_refine_ls_restr.dev_ideal 
_refine_ls_restr.dev_ideal_target 
_refine_ls_restr.weight 
_refine_ls_restr.number 
_refine_ls_restr.pdbx_refine_id 
_refine_ls_restr.pdbx_restraint_function 
c_bond_d                0.010 ? ? ? 'X-RAY DIFFRACTION' ? 
c_bond_d_na             ?     ? ? ? 'X-RAY DIFFRACTION' ? 
c_bond_d_prot           ?     ? ? ? 'X-RAY DIFFRACTION' ? 
c_angle_d               ?     ? ? ? 'X-RAY DIFFRACTION' ? 
c_angle_d_na            ?     ? ? ? 'X-RAY DIFFRACTION' ? 
c_angle_d_prot          ?     ? ? ? 'X-RAY DIFFRACTION' ? 
c_angle_deg             1.3   ? ? ? 'X-RAY DIFFRACTION' ? 
c_angle_deg_na          ?     ? ? ? 'X-RAY DIFFRACTION' ? 
c_angle_deg_prot        ?     ? ? ? 'X-RAY DIFFRACTION' ? 
c_dihedral_angle_d      1.0   ? ? ? 'X-RAY DIFFRACTION' ? 
c_dihedral_angle_d_na   ?     ? ? ? 'X-RAY DIFFRACTION' ? 
c_dihedral_angle_d_prot ?     ? ? ? 'X-RAY DIFFRACTION' ? 
c_improper_angle_d      1.76  ? ? ? 'X-RAY DIFFRACTION' ? 
c_improper_angle_d_na   ?     ? ? ? 'X-RAY DIFFRACTION' ? 
c_improper_angle_d_prot ?     ? ? ? 'X-RAY DIFFRACTION' ? 
c_mcbond_it             ?     ? ? ? 'X-RAY DIFFRACTION' ? 
c_mcangle_it            ?     ? ? ? 'X-RAY DIFFRACTION' ? 
c_scbond_it             ?     ? ? ? 'X-RAY DIFFRACTION' ? 
c_scangle_it            ?     ? ? ? 'X-RAY DIFFRACTION' ? 
# 
_refine_ls_shell.pdbx_total_number_of_bins_used   6 
_refine_ls_shell.d_res_high                       1.53 
_refine_ls_shell.d_res_low                        1.63 
_refine_ls_shell.number_reflns_R_work             1350 
_refine_ls_shell.R_factor_R_work                  0.188 
_refine_ls_shell.percent_reflns_obs               84.2 
_refine_ls_shell.R_factor_R_free                  0.23 
_refine_ls_shell.R_factor_R_free_error            0.017 
_refine_ls_shell.percent_reflns_R_free            11.6 
_refine_ls_shell.number_reflns_R_free             177 
_refine_ls_shell.redundancy_reflns_obs            ? 
_refine_ls_shell.pdbx_refine_id                   'X-RAY DIFFRACTION' 
_refine_ls_shell.number_reflns_all                ? 
_refine_ls_shell.R_factor_all                     ? 
# 
loop_
_pdbx_xplor_file.serial_no 
_pdbx_xplor_file.param_file 
_pdbx_xplor_file.topol_file 
_pdbx_xplor_file.pdbx_refine_id 
1 PROTEIN_REP.PARAM         PROTEIN.TOP         'X-RAY DIFFRACTION' 
2 DNA-RNA_REP_TINOUSH.PARAM DNA-RNA_TINOUSH.TOP 'X-RAY DIFFRACTION' 
3 WATER_REP.PARAM           WATER.TOP           'X-RAY DIFFRACTION' 
4 ION2.PARAM                ION2.TOP            'X-RAY DIFFRACTION' 
# 
_struct.entry_id                  1S2R 
_struct.title                     'A High Resolution Crystal Structure of [d(CGCAAATTTGCG)]2' 
_struct.pdbx_model_details        ? 
_struct.pdbx_CASP_flag            ? 
_struct.pdbx_model_type_details   ? 
# 
_struct_keywords.entry_id        1S2R 
_struct_keywords.pdbx_keywords   DNA 
_struct_keywords.text            'minor groove hydration, dodecamer, DNA' 
# 
loop_
_struct_asym.id 
_struct_asym.pdbx_blank_PDB_chainid_flag 
_struct_asym.pdbx_modified 
_struct_asym.entity_id 
_struct_asym.details 
A N N 1 ? 
B N N 1 ? 
C N N 2 ? 
D N N 2 ? 
E N N 3 ? 
F N N 3 ? 
# 
_struct_ref.id                         1 
_struct_ref.entity_id                  1 
_struct_ref.db_name                    PDB 
_struct_ref.db_code                    1S2R 
_struct_ref.pdbx_db_accession          1S2R 
_struct_ref.pdbx_db_isoform            ? 
_struct_ref.pdbx_seq_one_letter_code   ? 
_struct_ref.pdbx_align_begin           ? 
# 
loop_
_struct_ref_seq.align_id 
_struct_ref_seq.ref_id 
_struct_ref_seq.pdbx_PDB_id_code 
_struct_ref_seq.pdbx_strand_id 
_struct_ref_seq.seq_align_beg 
_struct_ref_seq.pdbx_seq_align_beg_ins_code 
_struct_ref_seq.seq_align_end 
_struct_ref_seq.pdbx_seq_align_end_ins_code 
_struct_ref_seq.pdbx_db_accession 
_struct_ref_seq.db_align_beg 
_struct_ref_seq.pdbx_db_align_beg_ins_code 
_struct_ref_seq.db_align_end 
_struct_ref_seq.pdbx_db_align_end_ins_code 
_struct_ref_seq.pdbx_auth_seq_align_beg 
_struct_ref_seq.pdbx_auth_seq_align_end 
1 1 1S2R A 1 ? 12 ? 1S2R 1  ? 12 ? 1  12 
2 1 1S2R B 1 ? 12 ? 1S2R 13 ? 24 ? 13 24 
# 
_pdbx_struct_assembly.id                   1 
_pdbx_struct_assembly.details              author_defined_assembly 
_pdbx_struct_assembly.method_details       ? 
_pdbx_struct_assembly.oligomeric_details   dimeric 
_pdbx_struct_assembly.oligomeric_count     2 
# 
_pdbx_struct_assembly_gen.assembly_id       1 
_pdbx_struct_assembly_gen.oper_expression   1 
_pdbx_struct_assembly_gen.asym_id_list      A,B,C,D,E,F 
# 
_pdbx_struct_oper_list.id                   1 
_pdbx_struct_oper_list.type                 'identity operation' 
_pdbx_struct_oper_list.name                 1_555 
_pdbx_struct_oper_list.symmetry_operation   x,y,z 
_pdbx_struct_oper_list.matrix[1][1]         1.0000000000 
_pdbx_struct_oper_list.matrix[1][2]         0.0000000000 
_pdbx_struct_oper_list.matrix[1][3]         0.0000000000 
_pdbx_struct_oper_list.vector[1]            0.0000000000 
_pdbx_struct_oper_list.matrix[2][1]         0.0000000000 
_pdbx_struct_oper_list.matrix[2][2]         1.0000000000 
_pdbx_struct_oper_list.matrix[2][3]         0.0000000000 
_pdbx_struct_oper_list.vector[2]            0.0000000000 
_pdbx_struct_oper_list.matrix[3][1]         0.0000000000 
_pdbx_struct_oper_list.matrix[3][2]         0.0000000000 
_pdbx_struct_oper_list.matrix[3][3]         1.0000000000 
_pdbx_struct_oper_list.vector[3]            0.0000000000 
# 
_struct_biol.id                    1 
_struct_biol.pdbx_parent_biol_id   ? 
_struct_biol.details               ? 
# 
loop_
_struct_conn.id 
_struct_conn.conn_type_id 
_struct_conn.pdbx_leaving_atom_flag 
_struct_conn.pdbx_PDB_id 
_struct_conn.ptnr1_label_asym_id 
_struct_conn.ptnr1_label_comp_id 
_struct_conn.ptnr1_label_seq_id 
_struct_conn.ptnr1_label_atom_id 
_struct_conn.pdbx_ptnr1_label_alt_id 
_struct_conn.pdbx_ptnr1_PDB_ins_code 
_struct_conn.pdbx_ptnr1_standard_comp_id 
_struct_conn.ptnr1_symmetry 
_struct_conn.ptnr2_label_asym_id 
_struct_conn.ptnr2_label_comp_id 
_struct_conn.ptnr2_label_seq_id 
_struct_conn.ptnr2_label_atom_id 
_struct_conn.pdbx_ptnr2_label_alt_id 
_struct_conn.pdbx_ptnr2_PDB_ins_code 
_struct_conn.ptnr1_auth_asym_id 
_struct_conn.ptnr1_auth_comp_id 
_struct_conn.ptnr1_auth_seq_id 
_struct_conn.ptnr2_auth_asym_id 
_struct_conn.ptnr2_auth_comp_id 
_struct_conn.ptnr2_auth_seq_id 
_struct_conn.ptnr2_symmetry 
_struct_conn.pdbx_ptnr3_label_atom_id 
_struct_conn.pdbx_ptnr3_label_seq_id 
_struct_conn.pdbx_ptnr3_label_comp_id 
_struct_conn.pdbx_ptnr3_label_asym_id 
_struct_conn.pdbx_ptnr3_label_alt_id 
_struct_conn.pdbx_ptnr3_PDB_ins_code 
_struct_conn.details 
_struct_conn.pdbx_dist_value 
_struct_conn.pdbx_value_order 
_struct_conn.pdbx_role 
hydrog1  hydrog ? ? A DC 1  N3 ? ? ? 1_555 B DG 12 N1 ? ? A DC 1  B DG 24 1_555 ? ? ? ? ? ? WATSON-CRICK ? ? ? 
hydrog2  hydrog ? ? A DC 1  N4 ? ? ? 1_555 B DG 12 O6 ? ? A DC 1  B DG 24 1_555 ? ? ? ? ? ? WATSON-CRICK ? ? ? 
hydrog3  hydrog ? ? A DC 1  O2 ? ? ? 1_555 B DG 12 N2 ? ? A DC 1  B DG 24 1_555 ? ? ? ? ? ? WATSON-CRICK ? ? ? 
hydrog4  hydrog ? ? A DG 2  N1 ? ? ? 1_555 B DC 11 N3 ? ? A DG 2  B DC 23 1_555 ? ? ? ? ? ? WATSON-CRICK ? ? ? 
hydrog5  hydrog ? ? A DG 2  N2 ? ? ? 1_555 B DC 11 O2 ? ? A DG 2  B DC 23 1_555 ? ? ? ? ? ? WATSON-CRICK ? ? ? 
hydrog6  hydrog ? ? A DG 2  O6 ? ? ? 1_555 B DC 11 N4 ? ? A DG 2  B DC 23 1_555 ? ? ? ? ? ? WATSON-CRICK ? ? ? 
hydrog7  hydrog ? ? A DC 3  N3 ? ? ? 1_555 B DG 10 N1 ? ? A DC 3  B DG 22 1_555 ? ? ? ? ? ? WATSON-CRICK ? ? ? 
hydrog8  hydrog ? ? A DC 3  N4 ? ? ? 1_555 B DG 10 O6 ? ? A DC 3  B DG 22 1_555 ? ? ? ? ? ? WATSON-CRICK ? ? ? 
hydrog9  hydrog ? ? A DC 3  O2 ? ? ? 1_555 B DG 10 N2 ? ? A DC 3  B DG 22 1_555 ? ? ? ? ? ? WATSON-CRICK ? ? ? 
hydrog10 hydrog ? ? A DA 4  N1 ? ? ? 1_555 B DT 9  N3 ? ? A DA 4  B DT 21 1_555 ? ? ? ? ? ? WATSON-CRICK ? ? ? 
hydrog11 hydrog ? ? A DA 4  N6 ? ? ? 1_555 B DT 9  O4 ? ? A DA 4  B DT 21 1_555 ? ? ? ? ? ? WATSON-CRICK ? ? ? 
hydrog12 hydrog ? ? A DA 5  N1 ? ? ? 1_555 B DT 8  N3 ? ? A DA 5  B DT 20 1_555 ? ? ? ? ? ? WATSON-CRICK ? ? ? 
hydrog13 hydrog ? ? A DA 5  N6 ? ? ? 1_555 B DT 8  O4 ? ? A DA 5  B DT 20 1_555 ? ? ? ? ? ? WATSON-CRICK ? ? ? 
hydrog14 hydrog ? ? A DA 6  N1 ? ? ? 1_555 B DT 7  N3 ? ? A DA 6  B DT 19 1_555 ? ? ? ? ? ? WATSON-CRICK ? ? ? 
hydrog15 hydrog ? ? A DA 6  N6 ? ? ? 1_555 B DT 7  O4 ? ? A DA 6  B DT 19 1_555 ? ? ? ? ? ? WATSON-CRICK ? ? ? 
hydrog16 hydrog ? ? A DT 7  N3 ? ? ? 1_555 B DA 6  N1 ? ? A DT 7  B DA 18 1_555 ? ? ? ? ? ? WATSON-CRICK ? ? ? 
hydrog17 hydrog ? ? A DT 7  O4 ? ? ? 1_555 B DA 6  N6 ? ? A DT 7  B DA 18 1_555 ? ? ? ? ? ? WATSON-CRICK ? ? ? 
hydrog18 hydrog ? ? A DT 8  N3 ? ? ? 1_555 B DA 5  N1 ? ? A DT 8  B DA 17 1_555 ? ? ? ? ? ? WATSON-CRICK ? ? ? 
hydrog19 hydrog ? ? A DT 8  O4 ? ? ? 1_555 B DA 5  N6 ? ? A DT 8  B DA 17 1_555 ? ? ? ? ? ? WATSON-CRICK ? ? ? 
hydrog20 hydrog ? ? A DT 9  N3 ? ? ? 1_555 B DA 4  N1 ? ? A DT 9  B DA 16 1_555 ? ? ? ? ? ? WATSON-CRICK ? ? ? 
hydrog21 hydrog ? ? A DT 9  O4 ? ? ? 1_555 B DA 4  N6 ? ? A DT 9  B DA 16 1_555 ? ? ? ? ? ? WATSON-CRICK ? ? ? 
hydrog22 hydrog ? ? A DG 10 N1 ? ? ? 1_555 B DC 3  N3 ? ? A DG 10 B DC 15 1_555 ? ? ? ? ? ? WATSON-CRICK ? ? ? 
hydrog23 hydrog ? ? A DG 10 N2 ? ? ? 1_555 B DC 3  O2 ? ? A DG 10 B DC 15 1_555 ? ? ? ? ? ? WATSON-CRICK ? ? ? 
hydrog24 hydrog ? ? A DG 10 O6 ? ? ? 1_555 B DC 3  N4 ? ? A DG 10 B DC 15 1_555 ? ? ? ? ? ? WATSON-CRICK ? ? ? 
hydrog25 hydrog ? ? A DC 11 N3 ? ? ? 1_555 B DG 2  N1 ? ? A DC 11 B DG 14 1_555 ? ? ? ? ? ? WATSON-CRICK ? ? ? 
hydrog26 hydrog ? ? A DC 11 N4 ? ? ? 1_555 B DG 2  O6 ? ? A DC 11 B DG 14 1_555 ? ? ? ? ? ? WATSON-CRICK ? ? ? 
hydrog27 hydrog ? ? A DC 11 O2 ? ? ? 1_555 B DG 2  N2 ? ? A DC 11 B DG 14 1_555 ? ? ? ? ? ? WATSON-CRICK ? ? ? 
hydrog28 hydrog ? ? A DG 12 N1 ? ? ? 1_555 B DC 1  N3 ? ? A DG 12 B DC 13 1_555 ? ? ? ? ? ? WATSON-CRICK ? ? ? 
hydrog29 hydrog ? ? A DG 12 N2 ? ? ? 1_555 B DC 1  O2 ? ? A DG 12 B DC 13 1_555 ? ? ? ? ? ? WATSON-CRICK ? ? ? 
hydrog30 hydrog ? ? A DG 12 O6 ? ? ? 1_555 B DC 1  N4 ? ? A DG 12 B DC 13 1_555 ? ? ? ? ? ? WATSON-CRICK ? ? ? 
# 
_struct_conn_type.id          hydrog 
_struct_conn_type.criteria    ? 
_struct_conn_type.reference   ? 
# 
loop_
_struct_site.id 
_struct_site.pdbx_evidence_code 
_struct_site.pdbx_auth_asym_id 
_struct_site.pdbx_auth_comp_id 
_struct_site.pdbx_auth_seq_id 
_struct_site.pdbx_auth_ins_code 
_struct_site.pdbx_num_residues 
_struct_site.details 
AC1 Software B SPM 25 ? 6 'BINDING SITE FOR RESIDUE SPM B 25' 
AC2 Software A SPM 26 ? 7 'BINDING SITE FOR RESIDUE SPM A 26' 
# 
loop_
_struct_site_gen.id 
_struct_site_gen.site_id 
_struct_site_gen.pdbx_num_res 
_struct_site_gen.label_comp_id 
_struct_site_gen.label_asym_id 
_struct_site_gen.label_seq_id 
_struct_site_gen.pdbx_auth_ins_code 
_struct_site_gen.auth_comp_id 
_struct_site_gen.auth_asym_id 
_struct_site_gen.auth_seq_id 
_struct_site_gen.label_atom_id 
_struct_site_gen.label_alt_id 
_struct_site_gen.symmetry 
_struct_site_gen.details 
1  AC1 6 DG  A 10 ? DG  A 10  . ? 1_555 ? 
2  AC1 6 HOH E .  ? HOH A 69  . ? 1_555 ? 
3  AC1 6 DC  B 1  ? DC  B 13  . ? 1_555 ? 
4  AC1 6 DG  B 2  ? DG  B 14  . ? 1_555 ? 
5  AC1 6 DC  B 3  ? DC  B 15  . ? 1_555 ? 
6  AC1 6 HOH F .  ? HOH B 39  . ? 1_555 ? 
7  AC2 7 DC  A 1  ? DC  A 1   . ? 1_555 ? 
8  AC2 7 DG  A 2  ? DG  A 2   . ? 1_555 ? 
9  AC2 7 DC  A 3  ? DC  A 3   . ? 1_555 ? 
10 AC2 7 HOH E .  ? HOH A 91  . ? 3_657 ? 
11 AC2 7 DG  B 10 ? DG  B 22  . ? 1_555 ? 
12 AC2 7 HOH F .  ? HOH B 110 . ? 1_555 ? 
13 AC2 7 HOH F .  ? HOH B 198 . ? 1_555 ? 
# 
loop_
_pdbx_validate_planes.id 
_pdbx_validate_planes.PDB_model_num 
_pdbx_validate_planes.auth_comp_id 
_pdbx_validate_planes.auth_asym_id 
_pdbx_validate_planes.auth_seq_id 
_pdbx_validate_planes.PDB_ins_code 
_pdbx_validate_planes.label_alt_id 
_pdbx_validate_planes.rmsd 
_pdbx_validate_planes.type 
1 1 DT A 8 ? ? 0.059 'SIDE CHAIN' 
2 1 DT A 9 ? ? 0.074 'SIDE CHAIN' 
# 
loop_
_chem_comp_atom.comp_id 
_chem_comp_atom.atom_id 
_chem_comp_atom.type_symbol 
_chem_comp_atom.pdbx_aromatic_flag 
_chem_comp_atom.pdbx_stereo_config 
_chem_comp_atom.pdbx_ordinal 
DA  OP3    O N N 1   
DA  P      P N N 2   
DA  OP1    O N N 3   
DA  OP2    O N N 4   
DA  "O5'"  O N N 5   
DA  "C5'"  C N N 6   
DA  "C4'"  C N R 7   
DA  "O4'"  O N N 8   
DA  "C3'"  C N S 9   
DA  "O3'"  O N N 10  
DA  "C2'"  C N N 11  
DA  "C1'"  C N R 12  
DA  N9     N Y N 13  
DA  C8     C Y N 14  
DA  N7     N Y N 15  
DA  C5     C Y N 16  
DA  C6     C Y N 17  
DA  N6     N N N 18  
DA  N1     N Y N 19  
DA  C2     C Y N 20  
DA  N3     N Y N 21  
DA  C4     C Y N 22  
DA  HOP3   H N N 23  
DA  HOP2   H N N 24  
DA  "H5'"  H N N 25  
DA  "H5''" H N N 26  
DA  "H4'"  H N N 27  
DA  "H3'"  H N N 28  
DA  "HO3'" H N N 29  
DA  "H2'"  H N N 30  
DA  "H2''" H N N 31  
DA  "H1'"  H N N 32  
DA  H8     H N N 33  
DA  H61    H N N 34  
DA  H62    H N N 35  
DA  H2     H N N 36  
DC  OP3    O N N 37  
DC  P      P N N 38  
DC  OP1    O N N 39  
DC  OP2    O N N 40  
DC  "O5'"  O N N 41  
DC  "C5'"  C N N 42  
DC  "C4'"  C N R 43  
DC  "O4'"  O N N 44  
DC  "C3'"  C N S 45  
DC  "O3'"  O N N 46  
DC  "C2'"  C N N 47  
DC  "C1'"  C N R 48  
DC  N1     N N N 49  
DC  C2     C N N 50  
DC  O2     O N N 51  
DC  N3     N N N 52  
DC  C4     C N N 53  
DC  N4     N N N 54  
DC  C5     C N N 55  
DC  C6     C N N 56  
DC  HOP3   H N N 57  
DC  HOP2   H N N 58  
DC  "H5'"  H N N 59  
DC  "H5''" H N N 60  
DC  "H4'"  H N N 61  
DC  "H3'"  H N N 62  
DC  "HO3'" H N N 63  
DC  "H2'"  H N N 64  
DC  "H2''" H N N 65  
DC  "H1'"  H N N 66  
DC  H41    H N N 67  
DC  H42    H N N 68  
DC  H5     H N N 69  
DC  H6     H N N 70  
DG  OP3    O N N 71  
DG  P      P N N 72  
DG  OP1    O N N 73  
DG  OP2    O N N 74  
DG  "O5'"  O N N 75  
DG  "C5'"  C N N 76  
DG  "C4'"  C N R 77  
DG  "O4'"  O N N 78  
DG  "C3'"  C N S 79  
DG  "O3'"  O N N 80  
DG  "C2'"  C N N 81  
DG  "C1'"  C N R 82  
DG  N9     N Y N 83  
DG  C8     C Y N 84  
DG  N7     N Y N 85  
DG  C5     C Y N 86  
DG  C6     C N N 87  
DG  O6     O N N 88  
DG  N1     N N N 89  
DG  C2     C N N 90  
DG  N2     N N N 91  
DG  N3     N N N 92  
DG  C4     C Y N 93  
DG  HOP3   H N N 94  
DG  HOP2   H N N 95  
DG  "H5'"  H N N 96  
DG  "H5''" H N N 97  
DG  "H4'"  H N N 98  
DG  "H3'"  H N N 99  
DG  "HO3'" H N N 100 
DG  "H2'"  H N N 101 
DG  "H2''" H N N 102 
DG  "H1'"  H N N 103 
DG  H8     H N N 104 
DG  H1     H N N 105 
DG  H21    H N N 106 
DG  H22    H N N 107 
DT  OP3    O N N 108 
DT  P      P N N 109 
DT  OP1    O N N 110 
DT  OP2    O N N 111 
DT  "O5'"  O N N 112 
DT  "C5'"  C N N 113 
DT  "C4'"  C N R 114 
DT  "O4'"  O N N 115 
DT  "C3'"  C N S 116 
DT  "O3'"  O N N 117 
DT  "C2'"  C N N 118 
DT  "C1'"  C N R 119 
DT  N1     N N N 120 
DT  C2     C N N 121 
DT  O2     O N N 122 
DT  N3     N N N 123 
DT  C4     C N N 124 
DT  O4     O N N 125 
DT  C5     C N N 126 
DT  C7     C N N 127 
DT  C6     C N N 128 
DT  HOP3   H N N 129 
DT  HOP2   H N N 130 
DT  "H5'"  H N N 131 
DT  "H5''" H N N 132 
DT  "H4'"  H N N 133 
DT  "H3'"  H N N 134 
DT  "HO3'" H N N 135 
DT  "H2'"  H N N 136 
DT  "H2''" H N N 137 
DT  "H1'"  H N N 138 
DT  H3     H N N 139 
DT  H71    H N N 140 
DT  H72    H N N 141 
DT  H73    H N N 142 
DT  H6     H N N 143 
HOH O      O N N 144 
HOH H1     H N N 145 
HOH H2     H N N 146 
SPM N1     N N N 147 
SPM C2     C N N 148 
SPM C3     C N N 149 
SPM C4     C N N 150 
SPM N5     N N N 151 
SPM C6     C N N 152 
SPM C7     C N N 153 
SPM C8     C N N 154 
SPM C9     C N N 155 
SPM N10    N N N 156 
SPM C11    C N N 157 
SPM C12    C N N 158 
SPM C13    C N N 159 
SPM N14    N N N 160 
SPM HN11   H N N 161 
SPM HN12   H N N 162 
SPM H21    H N N 163 
SPM H22    H N N 164 
SPM H31    H N N 165 
SPM H32    H N N 166 
SPM H41    H N N 167 
SPM H42    H N N 168 
SPM HN5    H N N 169 
SPM H61    H N N 170 
SPM H62    H N N 171 
SPM H71    H N N 172 
SPM H72    H N N 173 
SPM H81    H N N 174 
SPM H82    H N N 175 
SPM H91    H N N 176 
SPM H92    H N N 177 
SPM HN0    H N N 178 
SPM H111   H N N 179 
SPM H112   H N N 180 
SPM H121   H N N 181 
SPM H122   H N N 182 
SPM H131   H N N 183 
SPM H132   H N N 184 
SPM HN41   H N N 185 
SPM HN42   H N N 186 
# 
loop_
_chem_comp_bond.comp_id 
_chem_comp_bond.atom_id_1 
_chem_comp_bond.atom_id_2 
_chem_comp_bond.value_order 
_chem_comp_bond.pdbx_aromatic_flag 
_chem_comp_bond.pdbx_stereo_config 
_chem_comp_bond.pdbx_ordinal 
DA  OP3   P      sing N N 1   
DA  OP3   HOP3   sing N N 2   
DA  P     OP1    doub N N 3   
DA  P     OP2    sing N N 4   
DA  P     "O5'"  sing N N 5   
DA  OP2   HOP2   sing N N 6   
DA  "O5'" "C5'"  sing N N 7   
DA  "C5'" "C4'"  sing N N 8   
DA  "C5'" "H5'"  sing N N 9   
DA  "C5'" "H5''" sing N N 10  
DA  "C4'" "O4'"  sing N N 11  
DA  "C4'" "C3'"  sing N N 12  
DA  "C4'" "H4'"  sing N N 13  
DA  "O4'" "C1'"  sing N N 14  
DA  "C3'" "O3'"  sing N N 15  
DA  "C3'" "C2'"  sing N N 16  
DA  "C3'" "H3'"  sing N N 17  
DA  "O3'" "HO3'" sing N N 18  
DA  "C2'" "C1'"  sing N N 19  
DA  "C2'" "H2'"  sing N N 20  
DA  "C2'" "H2''" sing N N 21  
DA  "C1'" N9     sing N N 22  
DA  "C1'" "H1'"  sing N N 23  
DA  N9    C8     sing Y N 24  
DA  N9    C4     sing Y N 25  
DA  C8    N7     doub Y N 26  
DA  C8    H8     sing N N 27  
DA  N7    C5     sing Y N 28  
DA  C5    C6     sing Y N 29  
DA  C5    C4     doub Y N 30  
DA  C6    N6     sing N N 31  
DA  C6    N1     doub Y N 32  
DA  N6    H61    sing N N 33  
DA  N6    H62    sing N N 34  
DA  N1    C2     sing Y N 35  
DA  C2    N3     doub Y N 36  
DA  C2    H2     sing N N 37  
DA  N3    C4     sing Y N 38  
DC  OP3   P      sing N N 39  
DC  OP3   HOP3   sing N N 40  
DC  P     OP1    doub N N 41  
DC  P     OP2    sing N N 42  
DC  P     "O5'"  sing N N 43  
DC  OP2   HOP2   sing N N 44  
DC  "O5'" "C5'"  sing N N 45  
DC  "C5'" "C4'"  sing N N 46  
DC  "C5'" "H5'"  sing N N 47  
DC  "C5'" "H5''" sing N N 48  
DC  "C4'" "O4'"  sing N N 49  
DC  "C4'" "C3'"  sing N N 50  
DC  "C4'" "H4'"  sing N N 51  
DC  "O4'" "C1'"  sing N N 52  
DC  "C3'" "O3'"  sing N N 53  
DC  "C3'" "C2'"  sing N N 54  
DC  "C3'" "H3'"  sing N N 55  
DC  "O3'" "HO3'" sing N N 56  
DC  "C2'" "C1'"  sing N N 57  
DC  "C2'" "H2'"  sing N N 58  
DC  "C2'" "H2''" sing N N 59  
DC  "C1'" N1     sing N N 60  
DC  "C1'" "H1'"  sing N N 61  
DC  N1    C2     sing N N 62  
DC  N1    C6     sing N N 63  
DC  C2    O2     doub N N 64  
DC  C2    N3     sing N N 65  
DC  N3    C4     doub N N 66  
DC  C4    N4     sing N N 67  
DC  C4    C5     sing N N 68  
DC  N4    H41    sing N N 69  
DC  N4    H42    sing N N 70  
DC  C5    C6     doub N N 71  
DC  C5    H5     sing N N 72  
DC  C6    H6     sing N N 73  
DG  OP3   P      sing N N 74  
DG  OP3   HOP3   sing N N 75  
DG  P     OP1    doub N N 76  
DG  P     OP2    sing N N 77  
DG  P     "O5'"  sing N N 78  
DG  OP2   HOP2   sing N N 79  
DG  "O5'" "C5'"  sing N N 80  
DG  "C5'" "C4'"  sing N N 81  
DG  "C5'" "H5'"  sing N N 82  
DG  "C5'" "H5''" sing N N 83  
DG  "C4'" "O4'"  sing N N 84  
DG  "C4'" "C3'"  sing N N 85  
DG  "C4'" "H4'"  sing N N 86  
DG  "O4'" "C1'"  sing N N 87  
DG  "C3'" "O3'"  sing N N 88  
DG  "C3'" "C2'"  sing N N 89  
DG  "C3'" "H3'"  sing N N 90  
DG  "O3'" "HO3'" sing N N 91  
DG  "C2'" "C1'"  sing N N 92  
DG  "C2'" "H2'"  sing N N 93  
DG  "C2'" "H2''" sing N N 94  
DG  "C1'" N9     sing N N 95  
DG  "C1'" "H1'"  sing N N 96  
DG  N9    C8     sing Y N 97  
DG  N9    C4     sing Y N 98  
DG  C8    N7     doub Y N 99  
DG  C8    H8     sing N N 100 
DG  N7    C5     sing Y N 101 
DG  C5    C6     sing N N 102 
DG  C5    C4     doub Y N 103 
DG  C6    O6     doub N N 104 
DG  C6    N1     sing N N 105 
DG  N1    C2     sing N N 106 
DG  N1    H1     sing N N 107 
DG  C2    N2     sing N N 108 
DG  C2    N3     doub N N 109 
DG  N2    H21    sing N N 110 
DG  N2    H22    sing N N 111 
DG  N3    C4     sing N N 112 
DT  OP3   P      sing N N 113 
DT  OP3   HOP3   sing N N 114 
DT  P     OP1    doub N N 115 
DT  P     OP2    sing N N 116 
DT  P     "O5'"  sing N N 117 
DT  OP2   HOP2   sing N N 118 
DT  "O5'" "C5'"  sing N N 119 
DT  "C5'" "C4'"  sing N N 120 
DT  "C5'" "H5'"  sing N N 121 
DT  "C5'" "H5''" sing N N 122 
DT  "C4'" "O4'"  sing N N 123 
DT  "C4'" "C3'"  sing N N 124 
DT  "C4'" "H4'"  sing N N 125 
DT  "O4'" "C1'"  sing N N 126 
DT  "C3'" "O3'"  sing N N 127 
DT  "C3'" "C2'"  sing N N 128 
DT  "C3'" "H3'"  sing N N 129 
DT  "O3'" "HO3'" sing N N 130 
DT  "C2'" "C1'"  sing N N 131 
DT  "C2'" "H2'"  sing N N 132 
DT  "C2'" "H2''" sing N N 133 
DT  "C1'" N1     sing N N 134 
DT  "C1'" "H1'"  sing N N 135 
DT  N1    C2     sing N N 136 
DT  N1    C6     sing N N 137 
DT  C2    O2     doub N N 138 
DT  C2    N3     sing N N 139 
DT  N3    C4     sing N N 140 
DT  N3    H3     sing N N 141 
DT  C4    O4     doub N N 142 
DT  C4    C5     sing N N 143 
DT  C5    C7     sing N N 144 
DT  C5    C6     doub N N 145 
DT  C7    H71    sing N N 146 
DT  C7    H72    sing N N 147 
DT  C7    H73    sing N N 148 
DT  C6    H6     sing N N 149 
HOH O     H1     sing N N 150 
HOH O     H2     sing N N 151 
SPM N1    C2     sing N N 152 
SPM N1    HN11   sing N N 153 
SPM N1    HN12   sing N N 154 
SPM C2    C3     sing N N 155 
SPM C2    H21    sing N N 156 
SPM C2    H22    sing N N 157 
SPM C3    C4     sing N N 158 
SPM C3    H31    sing N N 159 
SPM C3    H32    sing N N 160 
SPM C4    N5     sing N N 161 
SPM C4    H41    sing N N 162 
SPM C4    H42    sing N N 163 
SPM N5    C6     sing N N 164 
SPM N5    HN5    sing N N 165 
SPM C6    C7     sing N N 166 
SPM C6    H61    sing N N 167 
SPM C6    H62    sing N N 168 
SPM C7    C8     sing N N 169 
SPM C7    H71    sing N N 170 
SPM C7    H72    sing N N 171 
SPM C8    C9     sing N N 172 
SPM C8    H81    sing N N 173 
SPM C8    H82    sing N N 174 
SPM C9    N10    sing N N 175 
SPM C9    H91    sing N N 176 
SPM C9    H92    sing N N 177 
SPM N10   C11    sing N N 178 
SPM N10   HN0    sing N N 179 
SPM C11   C12    sing N N 180 
SPM C11   H111   sing N N 181 
SPM C11   H112   sing N N 182 
SPM C12   C13    sing N N 183 
SPM C12   H121   sing N N 184 
SPM C12   H122   sing N N 185 
SPM C13   N14    sing N N 186 
SPM C13   H131   sing N N 187 
SPM C13   H132   sing N N 188 
SPM N14   HN41   sing N N 189 
SPM N14   HN42   sing N N 190 
# 
_ndb_struct_conf_na.entry_id   1S2R 
_ndb_struct_conf_na.feature    'b-form double helix' 
# 
loop_
_ndb_struct_na_base_pair.model_number 
_ndb_struct_na_base_pair.i_label_asym_id 
_ndb_struct_na_base_pair.i_label_comp_id 
_ndb_struct_na_base_pair.i_label_seq_id 
_ndb_struct_na_base_pair.i_symmetry 
_ndb_struct_na_base_pair.j_label_asym_id 
_ndb_struct_na_base_pair.j_label_comp_id 
_ndb_struct_na_base_pair.j_label_seq_id 
_ndb_struct_na_base_pair.j_symmetry 
_ndb_struct_na_base_pair.shear 
_ndb_struct_na_base_pair.stretch 
_ndb_struct_na_base_pair.stagger 
_ndb_struct_na_base_pair.buckle 
_ndb_struct_na_base_pair.propeller 
_ndb_struct_na_base_pair.opening 
_ndb_struct_na_base_pair.pair_number 
_ndb_struct_na_base_pair.pair_name 
_ndb_struct_na_base_pair.i_auth_asym_id 
_ndb_struct_na_base_pair.i_auth_seq_id 
_ndb_struct_na_base_pair.i_PDB_ins_code 
_ndb_struct_na_base_pair.j_auth_asym_id 
_ndb_struct_na_base_pair.j_auth_seq_id 
_ndb_struct_na_base_pair.j_PDB_ins_code 
_ndb_struct_na_base_pair.hbond_type_28 
_ndb_struct_na_base_pair.hbond_type_12 
1 A DC 1  1_555 B DG 12 1_555 0.249  -0.011 0.078 -7.543 -0.188  1.582  1  A_DC1:DG24_B  A 1  ? B 24 ? 19 1 
1 A DG 2  1_555 B DC 11 1_555 -0.209 -0.012 0.076 -2.664 -5.726  -3.149 2  A_DG2:DC23_B  A 2  ? B 23 ? 19 1 
1 A DC 3  1_555 B DG 10 1_555 0.040  0.026  0.223 -1.332 -8.571  1.162  3  A_DC3:DG22_B  A 3  ? B 22 ? 19 1 
1 A DA 4  1_555 B DT 9  1_555 -0.023 0.101  0.055 11.651 -15.114 3.846  4  A_DA4:DT21_B  A 4  ? B 21 ? 20 1 
1 A DA 5  1_555 B DT 8  1_555 0.101  -0.039 0.123 7.439  -16.815 4.499  5  A_DA5:DT20_B  A 5  ? B 20 ? 20 1 
1 A DA 6  1_555 B DT 7  1_555 0.060  0.061  0.221 4.198  -16.248 5.033  6  A_DA6:DT19_B  A 6  ? B 19 ? 20 1 
1 A DT 7  1_555 B DA 6  1_555 0.029  0.024  0.147 0.681  -15.232 5.096  7  A_DT7:DA18_B  A 7  ? B 18 ? 20 1 
1 A DT 8  1_555 B DA 5  1_555 -0.021 0.013  0.067 -3.088 -16.267 1.690  8  A_DT8:DA17_B  A 8  ? B 17 ? 20 1 
1 A DT 9  1_555 B DA 4  1_555 0.001  0.052  0.000 -9.829 -12.855 -0.753 9  A_DT9:DA16_B  A 9  ? B 16 ? 20 1 
1 A DG 10 1_555 B DC 3  1_555 -0.195 0.049  0.360 7.545  -4.476  2.209  10 A_DG10:DC15_B A 10 ? B 15 ? 19 1 
1 A DC 11 1_555 B DG 2  1_555 0.168  -0.040 0.226 4.915  -22.705 -2.885 11 A_DC11:DG14_B A 11 ? B 14 ? 19 1 
1 A DG 12 1_555 B DC 1  1_555 -0.236 0.016  0.040 10.731 5.337   -1.959 12 A_DG12:DC13_B A 12 ? B 13 ? 19 1 
# 
loop_
_ndb_struct_na_base_pair_step.model_number 
_ndb_struct_na_base_pair_step.i_label_asym_id_1 
_ndb_struct_na_base_pair_step.i_label_comp_id_1 
_ndb_struct_na_base_pair_step.i_label_seq_id_1 
_ndb_struct_na_base_pair_step.i_symmetry_1 
_ndb_struct_na_base_pair_step.j_label_asym_id_1 
_ndb_struct_na_base_pair_step.j_label_comp_id_1 
_ndb_struct_na_base_pair_step.j_label_seq_id_1 
_ndb_struct_na_base_pair_step.j_symmetry_1 
_ndb_struct_na_base_pair_step.i_label_asym_id_2 
_ndb_struct_na_base_pair_step.i_label_comp_id_2 
_ndb_struct_na_base_pair_step.i_label_seq_id_2 
_ndb_struct_na_base_pair_step.i_symmetry_2 
_ndb_struct_na_base_pair_step.j_label_asym_id_2 
_ndb_struct_na_base_pair_step.j_label_comp_id_2 
_ndb_struct_na_base_pair_step.j_label_seq_id_2 
_ndb_struct_na_base_pair_step.j_symmetry_2 
_ndb_struct_na_base_pair_step.shift 
_ndb_struct_na_base_pair_step.slide 
_ndb_struct_na_base_pair_step.rise 
_ndb_struct_na_base_pair_step.tilt 
_ndb_struct_na_base_pair_step.roll 
_ndb_struct_na_base_pair_step.twist 
_ndb_struct_na_base_pair_step.x_displacement 
_ndb_struct_na_base_pair_step.y_displacement 
_ndb_struct_na_base_pair_step.helical_rise 
_ndb_struct_na_base_pair_step.inclination 
_ndb_struct_na_base_pair_step.tip 
_ndb_struct_na_base_pair_step.helical_twist 
_ndb_struct_na_base_pair_step.step_number 
_ndb_struct_na_base_pair_step.step_name 
_ndb_struct_na_base_pair_step.i_auth_asym_id_1 
_ndb_struct_na_base_pair_step.i_auth_seq_id_1 
_ndb_struct_na_base_pair_step.i_PDB_ins_code_1 
_ndb_struct_na_base_pair_step.j_auth_asym_id_1 
_ndb_struct_na_base_pair_step.j_auth_seq_id_1 
_ndb_struct_na_base_pair_step.j_PDB_ins_code_1 
_ndb_struct_na_base_pair_step.i_auth_asym_id_2 
_ndb_struct_na_base_pair_step.i_auth_seq_id_2 
_ndb_struct_na_base_pair_step.i_PDB_ins_code_2 
_ndb_struct_na_base_pair_step.j_auth_asym_id_2 
_ndb_struct_na_base_pair_step.j_auth_seq_id_2 
_ndb_struct_na_base_pair_step.j_PDB_ins_code_2 
1 A DC 1  1_555 B DG 12 1_555 A DG 2  1_555 B DC 11 1_555 -1.477 -0.337 3.488 2.477  -7.687 35.423 0.602  2.738  3.377 -12.435 
-4.007 36.304 1  AA_DC1DG2:DC23DG24_BB   A 1  ? B 24 ? A 2  ? B 23 ? 
1 A DG 2  1_555 B DC 11 1_555 A DC 3  1_555 B DG 10 1_555 1.220  0.439  3.325 0.193  2.199  38.304 0.388  -1.833 3.350 3.348   
-0.293 38.365 2  AA_DG2DC3:DG22DC23_BB   A 2  ? B 23 ? A 3  ? B 22 ? 
1 A DC 3  1_555 B DG 10 1_555 A DA 4  1_555 B DT 9  1_555 -0.690 1.015  3.196 3.354  9.456  26.607 -0.147 2.192  3.250 19.679  
-6.980 28.404 3  AA_DC3DA4:DT21DG22_BB   A 3  ? B 22 ? A 4  ? B 21 ? 
1 A DA 4  1_555 B DT 9  1_555 A DA 5  1_555 B DT 8  1_555 0.291  -0.041 3.349 0.299  0.035  37.662 -0.068 -0.410 3.351 0.054   
-0.463 37.663 4  AA_DA4DA5:DT20DT21_BB   A 4  ? B 21 ? A 5  ? B 20 ? 
1 A DA 5  1_555 B DT 8  1_555 A DA 6  1_555 B DT 7  1_555 0.136  -0.370 3.308 -0.872 -0.595 37.819 -0.493 -0.323 3.310 -0.918  
1.345  37.833 5  AA_DA5DA6:DT19DT20_BB   A 5  ? B 20 ? A 6  ? B 19 ? 
1 A DA 6  1_555 B DT 7  1_555 A DT 7  1_555 B DA 6  1_555 0.108  -0.632 3.332 0.750  -0.379 30.701 -1.118 -0.055 3.341 -0.716  
-1.416 30.713 6  AA_DA6DT7:DA18DT19_BB   A 6  ? B 19 ? A 7  ? B 18 ? 
1 A DT 7  1_555 B DA 6  1_555 A DT 8  1_555 B DA 5  1_555 -0.298 -0.251 3.315 1.613  -1.406 37.844 -0.204 0.668  3.307 -2.166  
-2.485 37.902 7  AA_DT7DT8:DA17DA18_BB   A 7  ? B 18 ? A 8  ? B 17 ? 
1 A DT 8  1_555 B DA 5  1_555 A DT 9  1_555 B DA 4  1_555 -0.013 0.066  3.390 1.676  -3.376 40.967 0.473  0.207  3.372 -4.811  
-2.389 41.133 8  AA_DT8DT9:DA16DA17_BB   A 8  ? B 17 ? A 9  ? B 16 ? 
1 A DT 9  1_555 B DA 4  1_555 A DG 10 1_555 B DC 3  1_555 0.645  0.877  3.007 -4.265 1.027  28.889 1.536  -2.122 2.912 2.043   
8.487  29.213 9  AA_DT9DG10:DC15DA16_BB  A 9  ? B 16 ? A 10 ? B 15 ? 
1 A DG 10 1_555 B DC 3  1_555 A DC 11 1_555 B DG 2  1_555 -1.502 0.477  3.432 -1.009 -5.846 41.573 1.300  1.988  3.371 -8.186  
1.413  41.976 10 AA_DG10DC11:DG14DC15_BB A 10 ? B 15 ? A 11 ? B 14 ? 
1 A DC 11 1_555 B DG 2  1_555 A DG 12 1_555 B DC 1  1_555 1.660  0.833  3.324 3.982  -5.746 33.770 2.321  -2.167 3.310 -9.762  
-6.765 34.466 11 AA_DC11DG12:DC13DG14_BB A 11 ? B 14 ? A 12 ? B 13 ? 
# 
_atom_sites.entry_id                    1S2R 
_atom_sites.fract_transf_matrix[1][1]   0.03359924 
_atom_sites.fract_transf_matrix[1][2]   0.00453312 
_atom_sites.fract_transf_matrix[1][3]   -0.02180084 
_atom_sites.fract_transf_matrix[2][1]   -0.01154778 
_atom_sites.fract_transf_matrix[2][2]   -0.00765836 
_atom_sites.fract_transf_matrix[2][3]   -0.01938975 
_atom_sites.fract_transf_matrix[3][1]   -0.00397290 
_atom_sites.fract_transf_matrix[3][2]   0.01408039 
_atom_sites.fract_transf_matrix[3][3]   -0.00319522 
_atom_sites.fract_transf_vector[1]      0.594647 
_atom_sites.fract_transf_vector[2]      0.509984 
_atom_sites.fract_transf_vector[3]      1.145556 
# 
loop_
_atom_type.symbol 
C 
N 
O 
P 
# 
loop_
_atom_site.group_PDB 
_atom_site.id 
_atom_site.type_symbol 
_atom_site.label_atom_id 
_atom_site.label_alt_id 
_atom_site.label_comp_id 
_atom_site.label_asym_id 
_atom_site.label_entity_id 
_atom_site.label_seq_id 
_atom_site.pdbx_PDB_ins_code 
_atom_site.Cartn_x 
_atom_site.Cartn_y 
_atom_site.Cartn_z 
_atom_site.occupancy 
_atom_site.B_iso_or_equiv 
_atom_site.pdbx_formal_charge 
_atom_site.auth_seq_id 
_atom_site.auth_comp_id 
_atom_site.auth_asym_id 
_atom_site.auth_atom_id 
_atom_site.pdbx_PDB_model_num 
ATOM   1   O "O5'" . DC  A 1 1  ? -6.588  8.632   -12.854 1.00 21.99 ? 1   DC  A "O5'" 1 
ATOM   2   C "C5'" . DC  A 1 1  ? -6.457  8.500   -14.266 1.00 21.49 ? 1   DC  A "C5'" 1 
ATOM   3   C "C4'" . DC  A 1 1  ? -5.664  9.643   -14.859 1.00 20.25 ? 1   DC  A "C4'" 1 
ATOM   4   O "O4'" . DC  A 1 1  ? -6.333  10.887  -14.551 1.00 18.93 ? 1   DC  A "O4'" 1 
ATOM   5   C "C3'" . DC  A 1 1  ? -4.250  9.781   -14.303 1.00 21.50 ? 1   DC  A "C3'" 1 
ATOM   6   O "O3'" . DC  A 1 1  ? -3.380  10.335  -15.306 1.00 22.36 ? 1   DC  A "O3'" 1 
ATOM   7   C "C2'" . DC  A 1 1  ? -4.434  10.752  -13.147 1.00 18.83 ? 1   DC  A "C2'" 1 
ATOM   8   C "C1'" . DC  A 1 1  ? -5.609  11.618  -13.573 1.00 18.20 ? 1   DC  A "C1'" 1 
ATOM   9   N N1    . DC  A 1 1  ? -6.529  12.021  -12.486 1.00 16.30 ? 1   DC  A N1    1 
ATOM   10  C C2    . DC  A 1 1  ? -6.031  12.870  -11.494 1.00 16.35 ? 1   DC  A C2    1 
ATOM   11  O O2    . DC  A 1 1  ? -4.856  13.203  -11.553 1.00 16.67 ? 1   DC  A O2    1 
ATOM   12  N N3    . DC  A 1 1  ? -6.842  13.299  -10.505 1.00 16.60 ? 1   DC  A N3    1 
ATOM   13  C C4    . DC  A 1 1  ? -8.114  12.907  -10.473 1.00 17.78 ? 1   DC  A C4    1 
ATOM   14  N N4    . DC  A 1 1  ? -8.865  13.356  -9.472  1.00 19.23 ? 1   DC  A N4    1 
ATOM   15  C C5    . DC  A 1 1  ? -8.662  12.032  -11.470 1.00 16.22 ? 1   DC  A C5    1 
ATOM   16  C C6    . DC  A 1 1  ? -7.839  11.613  -12.449 1.00 16.13 ? 1   DC  A C6    1 
ATOM   17  P P     . DG  A 1 2  ? -1.903  9.722   -15.523 1.00 21.91 ? 2   DG  A P     1 
ATOM   18  O OP1   . DG  A 1 2  ? -1.411  10.265  -16.815 1.00 25.93 ? 2   DG  A OP1   1 
ATOM   19  O OP2   . DG  A 1 2  ? -1.944  8.261   -15.312 1.00 24.01 ? 2   DG  A OP2   1 
ATOM   20  O "O5'" . DG  A 1 2  ? -1.027  10.360  -14.360 1.00 20.53 ? 2   DG  A "O5'" 1 
ATOM   21  C "C5'" . DG  A 1 2  ? -0.476  11.662  -14.488 1.00 19.48 ? 2   DG  A "C5'" 1 
ATOM   22  C "C4'" . DG  A 1 2  ? 0.323   12.011  -13.254 1.00 17.53 ? 2   DG  A "C4'" 1 
ATOM   23  O "O4'" . DG  A 1 2  ? -0.569  12.302  -12.137 1.00 16.87 ? 2   DG  A "O4'" 1 
ATOM   24  C "C3'" . DG  A 1 2  ? 1.305   10.929  -12.781 1.00 18.29 ? 2   DG  A "C3'" 1 
ATOM   25  O "O3'" . DG  A 1 2  ? 2.591   11.564  -12.577 1.00 18.54 ? 2   DG  A "O3'" 1 
ATOM   26  C "C2'" . DG  A 1 2  ? 0.667   10.415  -11.491 1.00 18.07 ? 2   DG  A "C2'" 1 
ATOM   27  C "C1'" . DG  A 1 2  ? -0.159  11.604  -10.966 1.00 15.94 ? 2   DG  A "C1'" 1 
ATOM   28  N N9    . DG  A 1 2  ? -1.385  11.318  -10.189 1.00 14.49 ? 2   DG  A N9    1 
ATOM   29  C C8    . DG  A 1 2  ? -2.351  10.362  -10.468 1.00 13.44 ? 2   DG  A C8    1 
ATOM   30  N N7    . DG  A 1 2  ? -3.378  10.410  -9.658  1.00 12.04 ? 2   DG  A N7    1 
ATOM   31  C C5    . DG  A 1 2  ? -3.072  11.445  -8.765  1.00 12.65 ? 2   DG  A C5    1 
ATOM   32  C C6    . DG  A 1 2  ? -3.812  11.954  -7.658  1.00 12.10 ? 2   DG  A C6    1 
ATOM   33  O O6    . DG  A 1 2  ? -4.927  11.611  -7.264  1.00 11.97 ? 2   DG  A O6    1 
ATOM   34  N N1    . DG  A 1 2  ? -3.120  12.976  -6.997  1.00 11.29 ? 2   DG  A N1    1 
ATOM   35  C C2    . DG  A 1 2  ? -1.884  13.444  -7.366  1.00 9.89  ? 2   DG  A C2    1 
ATOM   36  N N2    . DG  A 1 2  ? -1.363  14.410  -6.589  1.00 10.94 ? 2   DG  A N2    1 
ATOM   37  N N3    . DG  A 1 2  ? -1.201  13.002  -8.407  1.00 11.77 ? 2   DG  A N3    1 
ATOM   38  C C4    . DG  A 1 2  ? -1.840  11.999  -9.057  1.00 13.31 ? 2   DG  A C4    1 
ATOM   39  P P     . DC  A 1 3  ? 3.936   10.688  -12.303 1.00 18.81 ? 3   DC  A P     1 
ATOM   40  O OP1   . DC  A 1 3  ? 5.058   11.494  -12.867 1.00 20.23 ? 3   DC  A OP1   1 
ATOM   41  O OP2   . DC  A 1 3  ? 3.773   9.289   -12.721 1.00 19.63 ? 3   DC  A OP2   1 
ATOM   42  O "O5'" . DC  A 1 3  ? 4.051   10.686  -10.713 1.00 18.53 ? 3   DC  A "O5'" 1 
ATOM   43  C "C5'" . DC  A 1 3  ? 4.187   11.909  -10.018 1.00 17.14 ? 3   DC  A "C5'" 1 
ATOM   44  C "C4'" . DC  A 1 3  ? 3.763   11.752  -8.578  1.00 13.74 ? 3   DC  A "C4'" 1 
ATOM   45  O "O4'" . DC  A 1 3  ? 2.350   11.507  -8.487  1.00 13.64 ? 3   DC  A "O4'" 1 
ATOM   46  C "C3'" . DC  A 1 3  ? 4.392   10.619  -7.777  1.00 15.17 ? 3   DC  A "C3'" 1 
ATOM   47  O "O3'" . DC  A 1 3  ? 5.664   11.082  -7.308  1.00 16.23 ? 3   DC  A "O3'" 1 
ATOM   48  C "C2'" . DC  A 1 3  ? 3.394   10.450  -6.634  1.00 13.42 ? 3   DC  A "C2'" 1 
ATOM   49  C "C1'" . DC  A 1 3  ? 2.097   11.096  -7.143  1.00 13.82 ? 3   DC  A "C1'" 1 
ATOM   50  N N1    . DC  A 1 3  ? 0.923   10.216  -7.168  1.00 12.16 ? 3   DC  A N1    1 
ATOM   51  C C2    . DC  A 1 3  ? -0.111  10.440  -6.251  1.00 11.28 ? 3   DC  A C2    1 
ATOM   52  O O2    . DC  A 1 3  ? 0.022   11.334  -5.398  1.00 14.32 ? 3   DC  A O2    1 
ATOM   53  N N3    . DC  A 1 3  ? -1.219  9.687   -6.319  1.00 11.83 ? 3   DC  A N3    1 
ATOM   54  C C4    . DC  A 1 3  ? -1.324  8.728   -7.241  1.00 11.22 ? 3   DC  A C4    1 
ATOM   55  N N4    . DC  A 1 3  ? -2.450  8.013   -7.258  1.00 14.06 ? 3   DC  A N4    1 
ATOM   56  C C5    . DC  A 1 3  ? -0.277  8.462   -8.183  1.00 13.12 ? 3   DC  A C5    1 
ATOM   57  C C6    . DC  A 1 3  ? 0.820   9.218   -8.106  1.00 13.34 ? 3   DC  A C6    1 
ATOM   58  P P     . DA  A 1 4  ? 6.634   10.104  -6.469  1.00 18.75 ? 4   DA  A P     1 
ATOM   59  O OP1   . DA  A 1 4  ? 7.998   10.652  -6.689  1.00 21.53 ? 4   DA  A OP1   1 
ATOM   60  O OP2   . DA  A 1 4  ? 6.352   8.672   -6.777  1.00 19.79 ? 4   DA  A OP2   1 
ATOM   61  O "O5'" . DA  A 1 4  ? 6.258   10.352  -4.938  1.00 16.72 ? 4   DA  A "O5'" 1 
ATOM   62  C "C5'" . DA  A 1 4  ? 6.344   11.650  -4.356  1.00 16.30 ? 4   DA  A "C5'" 1 
ATOM   63  C "C4'" . DA  A 1 4  ? 5.741   11.636  -2.969  1.00 16.69 ? 4   DA  A "C4'" 1 
ATOM   64  O "O4'" . DA  A 1 4  ? 4.369   11.152  -3.031  1.00 17.12 ? 4   DA  A "O4'" 1 
ATOM   65  C "C3'" . DA  A 1 4  ? 6.482   10.738  -1.980  1.00 18.81 ? 4   DA  A "C3'" 1 
ATOM   66  O "O3'" . DA  A 1 4  ? 6.541   11.424  -0.712  1.00 20.88 ? 4   DA  A "O3'" 1 
ATOM   67  C "C2'" . DA  A 1 4  ? 5.651   9.461   -1.984  1.00 17.21 ? 4   DA  A "C2'" 1 
ATOM   68  C "C1'" . DA  A 1 4  ? 4.228   9.961   -2.259  1.00 17.21 ? 4   DA  A "C1'" 1 
ATOM   69  N N9    . DA  A 1 4  ? 3.354   9.044   -3.011  1.00 15.25 ? 4   DA  A N9    1 
ATOM   70  C C8    . DA  A 1 4  ? 3.691   8.217   -4.057  1.00 14.67 ? 4   DA  A C8    1 
ATOM   71  N N7    . DA  A 1 4  ? 2.682   7.548   -4.557  1.00 15.07 ? 4   DA  A N7    1 
ATOM   72  C C5    . DA  A 1 4  ? 1.594   7.948   -3.780  1.00 13.14 ? 4   DA  A C5    1 
ATOM   73  C C6    . DA  A 1 4  ? 0.212   7.605   -3.812  1.00 14.40 ? 4   DA  A C6    1 
ATOM   74  N N6    . DA  A 1 4  ? -0.341  6.737   -4.682  1.00 13.40 ? 4   DA  A N6    1 
ATOM   75  N N1    . DA  A 1 4  ? -0.602  8.190   -2.899  1.00 14.21 ? 4   DA  A N1    1 
ATOM   76  C C2    . DA  A 1 4  ? -0.075  9.047   -2.025  1.00 14.51 ? 4   DA  A C2    1 
ATOM   77  N N3    . DA  A 1 4  ? 1.204   9.458   -1.899  1.00 14.71 ? 4   DA  A N3    1 
ATOM   78  C C4    . DA  A 1 4  ? 1.995   8.863   -2.815  1.00 15.31 ? 4   DA  A C4    1 
ATOM   79  P P     . DA  A 1 5  ? 7.290   10.762  0.567   1.00 22.76 ? 5   DA  A P     1 
ATOM   80  O OP1   . DA  A 1 5  ? 7.869   11.906  1.313   1.00 26.00 ? 5   DA  A OP1   1 
ATOM   81  O OP2   . DA  A 1 5  ? 8.167   9.660   0.129   1.00 23.63 ? 5   DA  A OP2   1 
ATOM   82  O "O5'" . DA  A 1 5  ? 6.071   10.161  1.414   1.00 21.55 ? 5   DA  A "O5'" 1 
ATOM   83  C "C5'" . DA  A 1 5  ? 5.032   11.027  1.888   1.00 18.56 ? 5   DA  A "C5'" 1 
ATOM   84  C "C4'" . DA  A 1 5  ? 3.851   10.229  2.400   1.00 17.69 ? 5   DA  A "C4'" 1 
ATOM   85  O "O4'" . DA  A 1 5  ? 3.264   9.437   1.335   1.00 16.79 ? 5   DA  A "O4'" 1 
ATOM   86  C "C3'" . DA  A 1 5  ? 4.119   9.272   3.566   1.00 18.61 ? 5   DA  A "C3'" 1 
ATOM   87  O "O3'" . DA  A 1 5  ? 3.316   9.733   4.675   1.00 18.85 ? 5   DA  A "O3'" 1 
ATOM   88  C "C2'" . DA  A 1 5  ? 3.697   7.903   3.020   1.00 17.28 ? 5   DA  A "C2'" 1 
ATOM   89  C "C1'" . DA  A 1 5  ? 2.749   8.241   1.876   1.00 16.49 ? 5   DA  A "C1'" 1 
ATOM   90  N N9    . DA  A 1 5  ? 2.681   7.272   0.770   1.00 13.86 ? 5   DA  A N9    1 
ATOM   91  C C8    . DA  A 1 5  ? 3.745   6.847   0.016   1.00 11.52 ? 5   DA  A C8    1 
ATOM   92  N N7    . DA  A 1 5  ? 3.417   6.025   -0.967  1.00 13.27 ? 5   DA  A N7    1 
ATOM   93  C C5    . DA  A 1 5  ? 2.040   5.897   -0.848  1.00 11.03 ? 5   DA  A C5    1 
ATOM   94  C C6    . DA  A 1 5  ? 1.069   5.181   -1.624  1.00 10.73 ? 5   DA  A C6    1 
ATOM   95  N N6    . DA  A 1 5  ? 1.373   4.468   -2.732  1.00 11.47 ? 5   DA  A N6    1 
ATOM   96  N N1    . DA  A 1 5  ? -0.222  5.247   -1.234  1.00 11.04 ? 5   DA  A N1    1 
ATOM   97  C C2    . DA  A 1 5  ? -0.531  5.998   -0.153  1.00 13.27 ? 5   DA  A C2    1 
ATOM   98  N N3    . DA  A 1 5  ? 0.280   6.734   0.630   1.00 12.49 ? 5   DA  A N3    1 
ATOM   99  C C4    . DA  A 1 5  ? 1.566   6.642   0.227   1.00 12.42 ? 5   DA  A C4    1 
ATOM   100 P P     . DA  A 1 6  ? 3.240   8.883   6.056   1.00 18.27 ? 6   DA  A P     1 
ATOM   101 O OP1   . DA  A 1 6  ? 2.865   9.865   7.126   1.00 20.51 ? 6   DA  A OP1   1 
ATOM   102 O OP2   . DA  A 1 6  ? 4.432   8.027   6.230   1.00 19.06 ? 6   DA  A OP2   1 
ATOM   103 O "O5'" . DA  A 1 6  ? 1.980   7.912   5.836   1.00 18.03 ? 6   DA  A "O5'" 1 
ATOM   104 C "C5'" . DA  A 1 6  ? 0.679   8.425   5.579   1.00 16.29 ? 6   DA  A "C5'" 1 
ATOM   105 C "C4'" . DA  A 1 6  ? -0.330  7.302   5.446   1.00 15.88 ? 6   DA  A "C4'" 1 
ATOM   106 O "O4'" . DA  A 1 6  ? -0.120  6.554   4.218   1.00 14.65 ? 6   DA  A "O4'" 1 
ATOM   107 C "C3'" . DA  A 1 6  ? -0.391  6.282   6.594   1.00 15.49 ? 6   DA  A "C3'" 1 
ATOM   108 O "O3'" . DA  A 1 6  ? -1.764  6.199   7.035   1.00 16.71 ? 6   DA  A "O3'" 1 
ATOM   109 C "C2'" . DA  A 1 6  ? 0.137   4.999   5.949   1.00 14.21 ? 6   DA  A "C2'" 1 
ATOM   110 C "C1'" . DA  A 1 6  ? -0.235  5.158   4.467   1.00 12.11 ? 6   DA  A "C1'" 1 
ATOM   111 N N9    . DA  A 1 6  ? 0.642   4.480   3.490   1.00 11.77 ? 6   DA  A N9    1 
ATOM   112 C C8    . DA  A 1 6  ? 2.012   4.572   3.401   1.00 10.86 ? 6   DA  A C8    1 
ATOM   113 N N7    . DA  A 1 6  ? 2.526   3.933   2.365   1.00 13.94 ? 6   DA  A N7    1 
ATOM   114 C C5    . DA  A 1 6  ? 1.423   3.379   1.725   1.00 11.47 ? 6   DA  A C5    1 
ATOM   115 C C6    . DA  A 1 6  ? 1.290   2.588   0.545   1.00 10.91 ? 6   DA  A C6    1 
ATOM   116 N N6    . DA  A 1 6  ? 2.313   2.250   -0.271  1.00 12.73 ? 6   DA  A N6    1 
ATOM   117 N N1    . DA  A 1 6  ? 0.044   2.160   0.222   1.00 10.74 ? 6   DA  A N1    1 
ATOM   118 C C2    . DA  A 1 6  ? -0.983  2.515   1.011   1.00 10.63 ? 6   DA  A C2    1 
ATOM   119 N N3    . DA  A 1 6  ? -0.984  3.275   2.113   1.00 11.83 ? 6   DA  A N3    1 
ATOM   120 C C4    . DA  A 1 6  ? 0.257   3.678   2.417   1.00 11.30 ? 6   DA  A C4    1 
ATOM   121 P P     . DT  A 1 7  ? -2.184  5.328   8.339   1.00 17.48 ? 7   DT  A P     1 
ATOM   122 O OP1   . DT  A 1 7  ? -3.451  5.907   8.851   1.00 20.09 ? 7   DT  A OP1   1 
ATOM   123 O OP2   . DT  A 1 7  ? -1.034  5.186   9.262   1.00 18.25 ? 7   DT  A OP2   1 
ATOM   124 O "O5'" . DT  A 1 7  ? -2.506  3.889   7.729   1.00 16.06 ? 7   DT  A "O5'" 1 
ATOM   125 C "C5'" . DT  A 1 7  ? -3.567  3.755   6.798   1.00 15.77 ? 7   DT  A "C5'" 1 
ATOM   126 C "C4'" . DT  A 1 7  ? -3.511  2.407   6.121   1.00 14.33 ? 7   DT  A "C4'" 1 
ATOM   127 O "O4'" . DT  A 1 7  ? -2.345  2.290   5.280   1.00 14.02 ? 7   DT  A "O4'" 1 
ATOM   128 C "C3'" . DT  A 1 7  ? -3.478  1.190   7.055   1.00 16.71 ? 7   DT  A "C3'" 1 
ATOM   129 O "O3'" . DT  A 1 7  ? -4.834  0.711   7.180   1.00 18.53 ? 7   DT  A "O3'" 1 
ATOM   130 C "C2'" . DT  A 1 7  ? -2.542  0.211   6.335   1.00 15.11 ? 7   DT  A "C2'" 1 
ATOM   131 C "C1'" . DT  A 1 7  ? -2.197  0.895   5.006   1.00 14.96 ? 7   DT  A "C1'" 1 
ATOM   132 N N1    . DT  A 1 7  ? -0.825  0.665   4.473   1.00 13.30 ? 7   DT  A N1    1 
ATOM   133 C C2    . DT  A 1 7  ? -0.690  -0.040  3.292   1.00 12.72 ? 7   DT  A C2    1 
ATOM   134 O O2    . DT  A 1 7  ? -1.647  -0.546  2.716   1.00 14.82 ? 7   DT  A O2    1 
ATOM   135 N N3    . DT  A 1 7  ? 0.599   -0.126  2.809   1.00 13.60 ? 7   DT  A N3    1 
ATOM   136 C C4    . DT  A 1 7  ? 1.751   0.395   3.377   1.00 13.63 ? 7   DT  A C4    1 
ATOM   137 O O4    . DT  A 1 7  ? 2.839   0.241   2.805   1.00 15.32 ? 7   DT  A O4    1 
ATOM   138 C C5    . DT  A 1 7  ? 1.546   1.098   4.635   1.00 12.90 ? 7   DT  A C5    1 
ATOM   139 C C7    . DT  A 1 7  ? 2.736   1.676   5.348   1.00 13.03 ? 7   DT  A C7    1 
ATOM   140 C C6    . DT  A 1 7  ? 0.289   1.188   5.112   1.00 12.87 ? 7   DT  A C6    1 
ATOM   141 P P     . DT  A 1 8  ? -5.170  -0.707  7.903   1.00 18.74 ? 8   DT  A P     1 
ATOM   142 O OP1   . DT  A 1 8  ? -6.573  -0.582  8.325   1.00 22.64 ? 8   DT  A OP1   1 
ATOM   143 O OP2   . DT  A 1 8  ? -4.139  -1.097  8.904   1.00 19.01 ? 8   DT  A OP2   1 
ATOM   144 O "O5'" . DT  A 1 8  ? -5.129  -1.765  6.700   1.00 17.54 ? 8   DT  A "O5'" 1 
ATOM   145 C "C5'" . DT  A 1 8  ? -5.813  -1.534  5.475   1.00 17.58 ? 8   DT  A "C5'" 1 
ATOM   146 C "C4'" . DT  A 1 8  ? -5.493  -2.635  4.486   1.00 16.15 ? 8   DT  A "C4'" 1 
ATOM   147 O "O4'" . DT  A 1 8  ? -4.110  -2.557  4.066   1.00 15.49 ? 8   DT  A "O4'" 1 
ATOM   148 C "C3'" . DT  A 1 8  ? -5.715  -4.062  4.997   1.00 18.59 ? 8   DT  A "C3'" 1 
ATOM   149 O "O3'" . DT  A 1 8  ? -6.571  -4.756  4.087   1.00 22.48 ? 8   DT  A "O3'" 1 
ATOM   150 C "C2'" . DT  A 1 8  ? -4.319  -4.676  5.032   1.00 16.60 ? 8   DT  A "C2'" 1 
ATOM   151 C "C1'" . DT  A 1 8  ? -3.552  -3.871  4.007   1.00 15.18 ? 8   DT  A "C1'" 1 
ATOM   152 N N1    . DT  A 1 8  ? -2.096  -3.738  4.254   1.00 13.32 ? 8   DT  A N1    1 
ATOM   153 C C2    . DT  A 1 8  ? -1.200  -4.114  3.259   1.00 15.17 ? 8   DT  A C2    1 
ATOM   154 O O2    . DT  A 1 8  ? -1.541  -4.684  2.227   1.00 15.03 ? 8   DT  A O2    1 
ATOM   155 N N3    . DT  A 1 8  ? 0.116   -3.790  3.511   1.00 12.49 ? 8   DT  A N3    1 
ATOM   156 C C4    . DT  A 1 8  ? 0.626   -3.157  4.649   1.00 12.98 ? 8   DT  A C4    1 
ATOM   157 O O4    . DT  A 1 8  ? 1.842   -2.901  4.729   1.00 13.82 ? 8   DT  A O4    1 
ATOM   158 C C5    . DT  A 1 8  ? -0.361  -2.847  5.664   1.00 13.59 ? 8   DT  A C5    1 
ATOM   159 C C7    . DT  A 1 8  ? 0.105   -2.216  6.941   1.00 14.70 ? 8   DT  A C7    1 
ATOM   160 C C6    . DT  A 1 8  ? -1.644  -3.157  5.432   1.00 13.47 ? 8   DT  A C6    1 
ATOM   161 P P     . DT  A 1 9  ? -6.904  -6.321  4.331   1.00 26.78 ? 9   DT  A P     1 
ATOM   162 O OP1   . DT  A 1 9  ? -8.271  -6.549  3.830   1.00 28.58 ? 9   DT  A OP1   1 
ATOM   163 O OP2   . DT  A 1 9  ? -6.547  -6.742  5.714   1.00 27.29 ? 9   DT  A OP2   1 
ATOM   164 O "O5'" . DT  A 1 9  ? -5.908  -7.075  3.342   1.00 23.09 ? 9   DT  A "O5'" 1 
ATOM   165 C "C5'" . DT  A 1 9  ? -5.877  -6.750  1.958   1.00 21.21 ? 9   DT  A "C5'" 1 
ATOM   166 C "C4'" . DT  A 1 9  ? -4.787  -7.529  1.259   1.00 18.98 ? 9   DT  A "C4'" 1 
ATOM   167 O "O4'" . DT  A 1 9  ? -3.489  -7.174  1.807   1.00 16.42 ? 9   DT  A "O4'" 1 
ATOM   168 C "C3'" . DT  A 1 9  ? -4.891  -9.055  1.336   1.00 19.98 ? 9   DT  A "C3'" 1 
ATOM   169 O "O3'" . DT  A 1 9  ? -4.783  -9.574  0.003   1.00 22.79 ? 9   DT  A "O3'" 1 
ATOM   170 C "C2'" . DT  A 1 9  ? -3.680  -9.470  2.178   1.00 17.18 ? 9   DT  A "C2'" 1 
ATOM   171 C "C1'" . DT  A 1 9  ? -2.686  -8.343  1.957   1.00 16.04 ? 9   DT  A "C1'" 1 
ATOM   172 N N1    . DT  A 1 9  ? -1.706  -8.023  3.032   1.00 14.62 ? 9   DT  A N1    1 
ATOM   173 C C2    . DT  A 1 9  ? -0.351  -7.951  2.707   1.00 12.81 ? 9   DT  A C2    1 
ATOM   174 O O2    . DT  A 1 9  ? 0.118   -8.288  1.631   1.00 13.57 ? 9   DT  A O2    1 
ATOM   175 N N3    . DT  A 1 9  ? 0.458   -7.427  3.719   1.00 13.39 ? 9   DT  A N3    1 
ATOM   176 C C4    . DT  A 1 9  ? 0.053   -7.017  4.977   1.00 13.92 ? 9   DT  A C4    1 
ATOM   177 O O4    . DT  A 1 9  ? 0.887   -6.533  5.764   1.00 14.20 ? 9   DT  A O4    1 
ATOM   178 C C5    . DT  A 1 9  ? -1.362  -7.184  5.268   1.00 12.59 ? 9   DT  A C5    1 
ATOM   179 C C7    . DT  A 1 9  ? -1.873  -6.822  6.628   1.00 14.67 ? 9   DT  A C7    1 
ATOM   180 C C6    . DT  A 1 9  ? -2.161  -7.686  4.297   1.00 13.00 ? 9   DT  A C6    1 
ATOM   181 P P     . DG  A 1 10 ? -5.303  -11.062 -0.345  1.00 24.23 ? 10  DG  A P     1 
ATOM   182 O OP1   . DG  A 1 10 ? -5.761  -11.045 -1.752  1.00 26.44 ? 10  DG  A OP1   1 
ATOM   183 O OP2   . DG  A 1 10 ? -6.182  -11.591 0.696   1.00 20.07 ? 10  DG  A OP2   1 
ATOM   184 O "O5'" . DG  A 1 10 ? -3.995  -11.968 -0.258  1.00 20.96 ? 10  DG  A "O5'" 1 
ATOM   185 C "C5'" . DG  A 1 10 ? -2.862  -11.703 -1.066  1.00 18.85 ? 10  DG  A "C5'" 1 
ATOM   186 C "C4'" . DG  A 1 10 ? -1.664  -12.437 -0.518  1.00 18.39 ? 10  DG  A "C4'" 1 
ATOM   187 O "O4'" . DG  A 1 10 ? -1.212  -11.721 0.668   1.00 16.28 ? 10  DG  A "O4'" 1 
ATOM   188 C "C3'" . DG  A 1 10 ? -1.922  -13.881 -0.065  1.00 17.38 ? 10  DG  A "C3'" 1 
ATOM   189 O "O3'" . DG  A 1 10 ? -0.768  -14.683 -0.383  1.00 18.08 ? 10  DG  A "O3'" 1 
ATOM   190 C "C2'" . DG  A 1 10 ? -1.977  -13.751 1.449   1.00 18.05 ? 10  DG  A "C2'" 1 
ATOM   191 C "C1'" . DG  A 1 10 ? -0.903  -12.701 1.635   1.00 15.53 ? 10  DG  A "C1'" 1 
ATOM   192 N N9    . DG  A 1 10 ? -0.754  -12.044 2.937   1.00 14.64 ? 10  DG  A N9    1 
ATOM   193 C C8    . DG  A 1 10 ? -1.697  -11.849 3.926   1.00 14.19 ? 10  DG  A C8    1 
ATOM   194 N N7    . DG  A 1 10 ? -1.225  -11.189 4.959   1.00 13.61 ? 10  DG  A N7    1 
ATOM   195 C C5    . DG  A 1 10 ? 0.114   -10.954 4.646   1.00 12.63 ? 10  DG  A C5    1 
ATOM   196 C C6    . DG  A 1 10 ? 1.164   -10.288 5.390   1.00 11.14 ? 10  DG  A C6    1 
ATOM   197 O O6    . DG  A 1 10 ? 1.120   -9.749  6.534   1.00 12.67 ? 10  DG  A O6    1 
ATOM   198 N N1    . DG  A 1 10 ? 2.364   -10.286 4.686   1.00 11.74 ? 10  DG  A N1    1 
ATOM   199 C C2    . DG  A 1 10 ? 2.567   -10.847 3.444   1.00 12.19 ? 10  DG  A C2    1 
ATOM   200 N N2    . DG  A 1 10 ? 3.824   -10.772 2.945   1.00 12.36 ? 10  DG  A N2    1 
ATOM   201 N N3    . DG  A 1 10 ? 1.611   -11.452 2.745   1.00 13.58 ? 10  DG  A N3    1 
ATOM   202 C C4    . DG  A 1 10 ? 0.424   -11.471 3.405   1.00 13.80 ? 10  DG  A C4    1 
ATOM   203 P P     . DC  A 1 11 ? -0.761  -15.646 -1.685  1.00 18.75 ? 11  DC  A P     1 
ATOM   204 O OP1   . DC  A 1 11 ? -1.537  -14.965 -2.765  1.00 20.97 ? 11  DC  A OP1   1 
ATOM   205 O OP2   . DC  A 1 11 ? -1.144  -17.004 -1.253  1.00 20.92 ? 11  DC  A OP2   1 
ATOM   206 O "O5'" . DC  A 1 11 ? 0.796   -15.700 -2.048  1.00 19.13 ? 11  DC  A "O5'" 1 
ATOM   207 C "C5'" . DC  A 1 11 ? 1.476   -14.558 -2.553  1.00 18.02 ? 11  DC  A "C5'" 1 
ATOM   208 C "C4'" . DC  A 1 11 ? 2.938   -14.584 -2.171  1.00 16.75 ? 11  DC  A "C4'" 1 
ATOM   209 O "O4'" . DC  A 1 11 ? 3.126   -14.101 -0.814  1.00 17.31 ? 11  DC  A "O4'" 1 
ATOM   210 C "C3'" . DC  A 1 11 ? 3.652   -15.932 -2.266  1.00 17.59 ? 11  DC  A "C3'" 1 
ATOM   211 O "O3'" . DC  A 1 11 ? 4.933   -15.702 -2.884  1.00 17.87 ? 11  DC  A "O3'" 1 
ATOM   212 C "C2'" . DC  A 1 11 ? 3.746   -16.379 -0.806  1.00 17.61 ? 11  DC  A "C2'" 1 
ATOM   213 C "C1'" . DC  A 1 11 ? 3.844   -15.064 -0.034  1.00 15.70 ? 11  DC  A "C1'" 1 
ATOM   214 N N1    . DC  A 1 11 ? 3.258   -15.043 1.329   1.00 13.87 ? 11  DC  A N1    1 
ATOM   215 C C2    . DC  A 1 11 ? 3.962   -14.365 2.354   1.00 14.29 ? 11  DC  A C2    1 
ATOM   216 O O2    . DC  A 1 11 ? 5.092   -13.904 2.104   1.00 15.08 ? 11  DC  A O2    1 
ATOM   217 N N3    . DC  A 1 11 ? 3.379   -14.225 3.567   1.00 14.25 ? 11  DC  A N3    1 
ATOM   218 C C4    . DC  A 1 11 ? 2.169   -14.734 3.798   1.00 15.11 ? 11  DC  A C4    1 
ATOM   219 N N4    . DC  A 1 11 ? 1.620   -14.542 5.022   1.00 14.60 ? 11  DC  A N4    1 
ATOM   220 C C5    . DC  A 1 11 ? 1.450   -15.451 2.795   1.00 14.67 ? 11  DC  A C5    1 
ATOM   221 C C6    . DC  A 1 11 ? 2.034   -15.596 1.591   1.00 14.36 ? 11  DC  A C6    1 
ATOM   222 P P     . DG  A 1 12 ? 5.789   -16.924 -3.487  1.00 20.12 ? 12  DG  A P     1 
ATOM   223 O OP1   . DG  A 1 12 ? 6.858   -16.362 -4.341  1.00 19.90 ? 12  DG  A OP1   1 
ATOM   224 O OP2   . DG  A 1 12 ? 4.872   -17.939 -4.029  1.00 20.06 ? 12  DG  A OP2   1 
ATOM   225 O "O5'" . DG  A 1 12 ? 6.519   -17.572 -2.232  1.00 16.92 ? 12  DG  A "O5'" 1 
ATOM   226 C "C5'" . DG  A 1 12 ? 7.551   -16.869 -1.551  1.00 16.11 ? 12  DG  A "C5'" 1 
ATOM   227 C "C4'" . DG  A 1 12 ? 7.821   -17.526 -0.216  1.00 14.80 ? 12  DG  A "C4'" 1 
ATOM   228 O "O4'" . DG  A 1 12 ? 6.722   -17.287 0.679   1.00 14.61 ? 12  DG  A "O4'" 1 
ATOM   229 C "C3'" . DG  A 1 12 ? 7.926   -19.047 -0.277  1.00 15.42 ? 12  DG  A "C3'" 1 
ATOM   230 O "O3'" . DG  A 1 12 ? 9.318   -19.397 -0.468  1.00 16.34 ? 12  DG  A "O3'" 1 
ATOM   231 C "C2'" . DG  A 1 12 ? 7.357   -19.508 1.062   1.00 15.83 ? 12  DG  A "C2'" 1 
ATOM   232 C "C1'" . DG  A 1 12 ? 6.859   -18.215 1.737   1.00 12.89 ? 12  DG  A "C1'" 1 
ATOM   233 N N9    . DG  A 1 12 ? 5.579   -18.286 2.454   1.00 13.85 ? 12  DG  A N9    1 
ATOM   234 C C8    . DG  A 1 12 ? 4.427   -18.926 2.042   1.00 13.71 ? 12  DG  A C8    1 
ATOM   235 N N7    . DG  A 1 12 ? 3.425   -18.773 2.874   1.00 14.53 ? 12  DG  A N7    1 
ATOM   236 C C5    . DG  A 1 12 ? 3.941   -17.996 3.906   1.00 14.47 ? 12  DG  A C5    1 
ATOM   237 C C6    . DG  A 1 12 ? 3.312   -17.508 5.098   1.00 12.58 ? 12  DG  A C6    1 
ATOM   238 O O6    . DG  A 1 12 ? 2.130   -17.659 5.469   1.00 13.58 ? 12  DG  A O6    1 
ATOM   239 N N1    . DG  A 1 12 ? 4.201   -16.765 5.889   1.00 12.29 ? 12  DG  A N1    1 
ATOM   240 C C2    . DG  A 1 12 ? 5.533   -16.529 5.561   1.00 11.94 ? 12  DG  A C2    1 
ATOM   241 N N2    . DG  A 1 12 ? 6.257   -15.827 6.478   1.00 11.95 ? 12  DG  A N2    1 
ATOM   242 N N3    . DG  A 1 12 ? 6.120   -16.952 4.441   1.00 12.48 ? 12  DG  A N3    1 
ATOM   243 C C4    . DG  A 1 12 ? 5.272   -17.687 3.668   1.00 13.10 ? 12  DG  A C4    1 
ATOM   244 O "O5'" . DC  B 1 1  ? 4.375   -13.959 16.223  1.00 30.21 ? 13  DC  B "O5'" 1 
ATOM   245 C "C5'" . DC  B 1 1  ? 4.079   -14.603 14.989  1.00 24.56 ? 13  DC  B "C5'" 1 
ATOM   246 C "C4'" . DC  B 1 1  ? 5.000   -14.126 13.891  1.00 21.98 ? 13  DC  B "C4'" 1 
ATOM   247 O "O4'" . DC  B 1 1  ? 4.828   -14.984 12.730  1.00 20.74 ? 13  DC  B "O4'" 1 
ATOM   248 C "C3'" . DC  B 1 1  ? 4.701   -12.702 13.421  1.00 22.18 ? 13  DC  B "C3'" 1 
ATOM   249 O "O3'" . DC  B 1 1  ? 5.917   -12.061 13.009  1.00 21.85 ? 13  DC  B "O3'" 1 
ATOM   250 C "C2'" . DC  B 1 1  ? 3.811   -12.940 12.211  1.00 20.53 ? 13  DC  B "C2'" 1 
ATOM   251 C "C1'" . DC  B 1 1  ? 4.441   -14.196 11.613  1.00 19.54 ? 13  DC  B "C1'" 1 
ATOM   252 N N1    . DC  B 1 1  ? 3.548   -15.010 10.753  1.00 18.02 ? 13  DC  B N1    1 
ATOM   253 C C2    . DC  B 1 1  ? 3.964   -15.315 9.438   1.00 16.66 ? 13  DC  B C2    1 
ATOM   254 O O2    . DC  B 1 1  ? 5.090   -14.946 9.058   1.00 17.48 ? 13  DC  B O2    1 
ATOM   255 N N3    . DC  B 1 1  ? 3.131   -15.998 8.615   1.00 15.17 ? 13  DC  B N3    1 
ATOM   256 C C4    . DC  B 1 1  ? 1.931   -16.385 9.055   1.00 16.97 ? 13  DC  B C4    1 
ATOM   257 N N4    . DC  B 1 1  ? 1.138   -17.045 8.202   1.00 18.48 ? 13  DC  B N4    1 
ATOM   258 C C5    . DC  B 1 1  ? 1.490   -16.109 10.389  1.00 18.51 ? 13  DC  B C5    1 
ATOM   259 C C6    . DC  B 1 1  ? 2.325   -15.435 11.197  1.00 17.71 ? 13  DC  B C6    1 
ATOM   260 P P     . DG  B 1 2  ? 6.432   -10.704 13.727  1.00 23.93 ? 14  DG  B P     1 
ATOM   261 O OP1   . DG  B 1 2  ? 6.826   -11.050 15.124  1.00 24.19 ? 14  DG  B OP1   1 
ATOM   262 O OP2   . DG  B 1 2  ? 5.453   -9.616  13.497  1.00 24.70 ? 14  DG  B OP2   1 
ATOM   263 O "O5'" . DG  B 1 2  ? 7.751   -10.374 12.886  1.00 22.15 ? 14  DG  B "O5'" 1 
ATOM   264 C "C5'" . DG  B 1 2  ? 8.837   -11.317 12.810  1.00 19.33 ? 14  DG  B "C5'" 1 
ATOM   265 C "C4'" . DG  B 1 2  ? 9.393   -11.408 11.401  1.00 18.56 ? 14  DG  B "C4'" 1 
ATOM   266 O "O4'" . DG  B 1 2  ? 8.448   -12.057 10.501  1.00 16.58 ? 14  DG  B "O4'" 1 
ATOM   267 C "C3'" . DG  B 1 2  ? 9.806   -10.085 10.739  1.00 17.59 ? 14  DG  B "C3'" 1 
ATOM   268 O "O3'" . DG  B 1 2  ? 11.111  -10.229 10.154  1.00 17.63 ? 14  DG  B "O3'" 1 
ATOM   269 C "C2'" . DG  B 1 2  ? 8.750   -9.880  9.668   1.00 16.10 ? 14  DG  B "C2'" 1 
ATOM   270 C "C1'" . DG  B 1 2  ? 8.297   -11.292 9.306   1.00 15.87 ? 14  DG  B "C1'" 1 
ATOM   271 N N9    . DG  B 1 2  ? 6.894   -11.400 8.900   1.00 15.01 ? 14  DG  B N9    1 
ATOM   272 C C8    . DG  B 1 2  ? 5.805   -11.062 9.671   1.00 15.20 ? 14  DG  B C8    1 
ATOM   273 N N7    . DG  B 1 2  ? 4.657   -11.352 9.106   1.00 14.20 ? 14  DG  B N7    1 
ATOM   274 C C5    . DG  B 1 2  ? 5.000   -11.901 7.871   1.00 11.42 ? 14  DG  B C5    1 
ATOM   275 C C6    . DG  B 1 2  ? 4.161   -12.425 6.833   1.00 11.50 ? 14  DG  B C6    1 
ATOM   276 O O6    . DG  B 1 2  ? 2.915   -12.548 6.834   1.00 12.17 ? 14  DG  B O6    1 
ATOM   277 N N1    . DG  B 1 2  ? 4.910   -12.849 5.735   1.00 12.69 ? 14  DG  B N1    1 
ATOM   278 C C2    . DG  B 1 2  ? 6.290   -12.804 5.648   1.00 11.06 ? 14  DG  B C2    1 
ATOM   279 N N2    . DG  B 1 2  ? 6.838   -13.256 4.488   1.00 12.77 ? 14  DG  B N2    1 
ATOM   280 N N3    . DG  B 1 2  ? 7.086   -12.345 6.634   1.00 10.89 ? 14  DG  B N3    1 
ATOM   281 C C4    . DG  B 1 2  ? 6.375   -11.913 7.700   1.00 12.34 ? 14  DG  B C4    1 
ATOM   282 P P     . DC  B 1 3  ? 11.936  -8.926  9.628   1.00 18.58 ? 15  DC  B P     1 
ATOM   283 O OP1   . DC  B 1 3  ? 13.350  -9.371  9.449   1.00 19.21 ? 15  DC  B OP1   1 
ATOM   284 O OP2   . DC  B 1 3  ? 11.641  -7.756  10.489  1.00 19.70 ? 15  DC  B OP2   1 
ATOM   285 O "O5'" . DC  B 1 3  ? 11.315  -8.622  8.187   1.00 17.26 ? 15  DC  B "O5'" 1 
ATOM   286 C "C5'" . DC  B 1 3  ? 11.580  -9.505  7.097   1.00 16.06 ? 15  DC  B "C5'" 1 
ATOM   287 C "C4'" . DC  B 1 3  ? 10.625  -9.251  5.955   1.00 15.76 ? 15  DC  B "C4'" 1 
ATOM   288 O "O4'" . DC  B 1 3  ? 9.276   -9.509  6.362   1.00 16.35 ? 15  DC  B "O4'" 1 
ATOM   289 C "C3'" . DC  B 1 3  ? 10.618  -7.828  5.383   1.00 15.81 ? 15  DC  B "C3'" 1 
ATOM   290 O "O3'" . DC  B 1 3  ? 11.595  -7.797  4.341   1.00 17.16 ? 15  DC  B "O3'" 1 
ATOM   291 C "C2'" . DC  B 1 3  ? 9.191   -7.665  4.867   1.00 16.73 ? 15  DC  B "C2'" 1 
ATOM   292 C "C1'" . DC  B 1 3  ? 8.432   -8.915  5.375   1.00 15.70 ? 15  DC  B "C1'" 1 
ATOM   293 N N1    . DC  B 1 3  ? 7.117   -8.662  6.002   1.00 15.08 ? 15  DC  B N1    1 
ATOM   294 C C2    . DC  B 1 3  ? 5.943   -9.100  5.365   1.00 11.96 ? 15  DC  B C2    1 
ATOM   295 O O2    . DC  B 1 3  ? 6.026   -9.642  4.245   1.00 13.63 ? 15  DC  B O2    1 
ATOM   296 N N3    . DC  B 1 3  ? 4.748   -8.931  5.985   1.00 12.79 ? 15  DC  B N3    1 
ATOM   297 C C4    . DC  B 1 3  ? 4.689   -8.339  7.180   1.00 13.06 ? 15  DC  B C4    1 
ATOM   298 N N4    . DC  B 1 3  ? 3.491   -8.202  7.747   1.00 14.86 ? 15  DC  B N4    1 
ATOM   299 C C5    . DC  B 1 3  ? 5.867   -7.864  7.845   1.00 15.22 ? 15  DC  B C5    1 
ATOM   300 C C6    . DC  B 1 3  ? 7.042   -8.038  7.221   1.00 14.88 ? 15  DC  B C6    1 
ATOM   301 P P     . DA  B 1 4  ? 11.906  -6.448  3.519   1.00 17.98 ? 16  DA  B P     1 
ATOM   302 O OP1   . DA  B 1 4  ? 13.318  -6.535  3.086   1.00 20.01 ? 16  DA  B OP1   1 
ATOM   303 O OP2   . DA  B 1 4  ? 11.442  -5.292  4.261   1.00 18.82 ? 16  DA  B OP2   1 
ATOM   304 O "O5'" . DA  B 1 4  ? 11.024  -6.573  2.202   1.00 16.06 ? 16  DA  B "O5'" 1 
ATOM   305 C "C5'" . DA  B 1 4  ? 11.208  -7.664  1.310   1.00 17.63 ? 16  DA  B "C5'" 1 
ATOM   306 C "C4'" . DA  B 1 4  ? 10.072  -7.721  0.314   1.00 17.58 ? 16  DA  B "C4'" 1 
ATOM   307 O "O4'" . DA  B 1 4  ? 8.788   -7.872  0.969   1.00 17.45 ? 16  DA  B "O4'" 1 
ATOM   308 C "C3'" . DA  B 1 4  ? 9.938   -6.539  -0.648  1.00 20.11 ? 16  DA  B "C3'" 1 
ATOM   309 O "O3'" . DA  B 1 4  ? 9.772   -7.127  -1.950  1.00 21.84 ? 16  DA  B "O3'" 1 
ATOM   310 C "C2'" . DA  B 1 4  ? 8.740   -5.775  -0.099  1.00 18.79 ? 16  DA  B "C2'" 1 
ATOM   311 C "C1'" . DA  B 1 4  ? 7.885   -6.852  0.579   1.00 17.01 ? 16  DA  B "C1'" 1 
ATOM   312 N N9    . DA  B 1 4  ? 7.121   -6.433  1.768   1.00 16.88 ? 16  DA  B N9    1 
ATOM   313 C C8    . DA  B 1 4  ? 7.500   -5.602  2.804   1.00 15.82 ? 16  DA  B C8    1 
ATOM   314 N N7    . DA  B 1 4  ? 6.564   -5.420  3.712   1.00 14.75 ? 16  DA  B N7    1 
ATOM   315 C C5    . DA  B 1 4  ? 5.495   -6.187  3.249   1.00 13.62 ? 16  DA  B C5    1 
ATOM   316 C C6    . DA  B 1 4  ? 4.191   -6.409  3.752   1.00 12.70 ? 16  DA  B C6    1 
ATOM   317 N N6    . DA  B 1 4  ? 3.737   -5.890  4.889   1.00 12.94 ? 16  DA  B N6    1 
ATOM   318 N N1    . DA  B 1 4  ? 3.358   -7.216  3.027   1.00 12.52 ? 16  DA  B N1    1 
ATOM   319 C C2    . DA  B 1 4  ? 3.835   -7.761  1.884   1.00 11.60 ? 16  DA  B C2    1 
ATOM   320 N N3    . DA  B 1 4  ? 5.038   -7.630  1.320   1.00 12.43 ? 16  DA  B N3    1 
ATOM   321 C C4    . DA  B 1 4  ? 5.827   -6.817  2.054   1.00 14.83 ? 16  DA  B C4    1 
ATOM   322 P P     . DA  B 1 5  ? 9.288   -6.254  -3.220  1.00 21.37 ? 17  DA  B P     1 
ATOM   323 O OP1   . DA  B 1 5  ? 10.069  -6.880  -4.318  1.00 24.04 ? 17  DA  B OP1   1 
ATOM   324 O OP2   . DA  B 1 5  ? 9.415   -4.790  -2.963  1.00 21.84 ? 17  DA  B OP2   1 
ATOM   325 O "O5'" . DA  B 1 5  ? 7.758   -6.659  -3.392  1.00 21.50 ? 17  DA  B "O5'" 1 
ATOM   326 C "C5'" . DA  B 1 5  ? 7.381   -8.010  -3.655  1.00 17.05 ? 17  DA  B "C5'" 1 
ATOM   327 C "C4'" . DA  B 1 5  ? 5.875   -8.128  -3.706  1.00 17.00 ? 17  DA  B "C4'" 1 
ATOM   328 O "O4'" . DA  B 1 5  ? 5.283   -7.674  -2.463  1.00 17.02 ? 17  DA  B "O4'" 1 
ATOM   329 C "C3'" . DA  B 1 5  ? 5.221   -7.319  -4.829  1.00 17.71 ? 17  DA  B "C3'" 1 
ATOM   330 O "O3'" . DA  B 1 5  ? 4.235   -8.139  -5.466  1.00 19.99 ? 17  DA  B "O3'" 1 
ATOM   331 C "C2'" . DA  B 1 5  ? 4.618   -6.115  -4.110  1.00 16.61 ? 17  DA  B "C2'" 1 
ATOM   332 C "C1'" . DA  B 1 5  ? 4.323   -6.651  -2.708  1.00 15.28 ? 17  DA  B "C1'" 1 
ATOM   333 N N9    . DA  B 1 5  ? 4.432   -5.671  -1.619  1.00 13.12 ? 17  DA  B N9    1 
ATOM   334 C C8    . DA  B 1 5  ? 5.505   -4.888  -1.300  1.00 13.47 ? 17  DA  B C8    1 
ATOM   335 N N7    . DA  B 1 5  ? 5.338   -4.168  -0.207  1.00 14.45 ? 17  DA  B N7    1 
ATOM   336 C C5    . DA  B 1 5  ? 4.060   -4.496  0.209   1.00 11.46 ? 17  DA  B C5    1 
ATOM   337 C C6    . DA  B 1 5  ? 3.290   -4.099  1.324   1.00 10.56 ? 17  DA  B C6    1 
ATOM   338 N N6    . DA  B 1 5  ? 3.754   -3.278  2.295   1.00 12.21 ? 17  DA  B N6    1 
ATOM   339 N N1    . DA  B 1 5  ? 2.030   -4.583  1.430   1.00 11.41 ? 17  DA  B N1    1 
ATOM   340 C C2    . DA  B 1 5  ? 1.590   -5.440  0.482   1.00 13.03 ? 17  DA  B C2    1 
ATOM   341 N N3    . DA  B 1 5  ? 2.237   -5.918  -0.591  1.00 13.18 ? 17  DA  B N3    1 
ATOM   342 C C4    . DA  B 1 5  ? 3.475   -5.398  -0.675  1.00 13.21 ? 17  DA  B C4    1 
ATOM   343 P P     . DA  B 1 6  ? 3.337   -7.542  -6.664  1.00 24.20 ? 18  DA  B P     1 
ATOM   344 O OP1   . DA  B 1 6  ? 2.936   -8.705  -7.497  1.00 25.07 ? 18  DA  B OP1   1 
ATOM   345 O OP2   . DA  B 1 6  ? 4.009   -6.386  -7.290  1.00 24.61 ? 18  DA  B OP2   1 
ATOM   346 O "O5'" . DA  B 1 6  ? 2.036   -6.964  -5.936  1.00 23.05 ? 18  DA  B "O5'" 1 
ATOM   347 C "C5'" . DA  B 1 6  ? 1.192   -7.811  -5.165  1.00 21.28 ? 18  DA  B "C5'" 1 
ATOM   348 C "C4'" . DA  B 1 6  ? 0.018   -7.026  -4.626  1.00 20.94 ? 18  DA  B "C4'" 1 
ATOM   349 O "O4'" . DA  B 1 6  ? 0.467   -6.178  -3.539  1.00 18.21 ? 18  DA  B "O4'" 1 
ATOM   350 C "C3'" . DA  B 1 6  ? -0.701  -6.117  -5.627  1.00 20.53 ? 18  DA  B "C3'" 1 
ATOM   351 O "O3'" . DA  B 1 6  ? -2.101  -6.453  -5.598  1.00 23.82 ? 18  DA  B "O3'" 1 
ATOM   352 C "C2'" . DA  B 1 6  ? -0.412  -4.705  -5.112  1.00 17.95 ? 18  DA  B "C2'" 1 
ATOM   353 C "C1'" . DA  B 1 6  ? -0.142  -4.906  -3.626  1.00 17.57 ? 18  DA  B "C1'" 1 
ATOM   354 N N9    . DA  B 1 6  ? 0.778   -3.933  -3.017  1.00 15.42 ? 18  DA  B N9    1 
ATOM   355 C C8    . DA  B 1 6  ? 2.024   -3.594  -3.483  1.00 13.43 ? 18  DA  B C8    1 
ATOM   356 N N7    . DA  B 1 6  ? 2.674   -2.740  -2.712  1.00 13.66 ? 18  DA  B N7    1 
ATOM   357 C C5    . DA  B 1 6  ? 1.782   -2.491  -1.669  1.00 11.54 ? 18  DA  B C5    1 
ATOM   358 C C6    . DA  B 1 6  ? 1.876   -1.670  -0.500  1.00 10.03 ? 18  DA  B C6    1 
ATOM   359 N N6    . DA  B 1 6  ? 2.966   -0.966  -0.171  1.00 11.62 ? 18  DA  B N6    1 
ATOM   360 N N1    . DA  B 1 6  ? 0.805   -1.621  0.324   1.00 11.70 ? 18  DA  B N1    1 
ATOM   361 C C2    . DA  B 1 6  ? -0.284  -2.355  0.012   1.00 12.87 ? 18  DA  B C2    1 
ATOM   362 N N3    . DA  B 1 6  ? -0.484  -3.173  -1.048  1.00 11.81 ? 18  DA  B N3    1 
ATOM   363 C C4    . DA  B 1 6  ? 0.602   -3.199  -1.850  1.00 12.98 ? 18  DA  B C4    1 
ATOM   364 P P     . DT  B 1 7  ? -3.164  -5.675  -6.547  1.00 27.52 ? 19  DT  B P     1 
ATOM   365 O OP1   . DT  B 1 7  ? -4.223  -6.648  -6.897  1.00 29.31 ? 19  DT  B OP1   1 
ATOM   366 O OP2   . DT  B 1 7  ? -2.459  -4.935  -7.629  1.00 26.68 ? 19  DT  B OP2   1 
ATOM   367 O "O5'" . DT  B 1 7  ? -3.814  -4.584  -5.575  1.00 24.22 ? 19  DT  B "O5'" 1 
ATOM   368 C "C5'" . DT  B 1 7  ? -4.337  -4.956  -4.301  1.00 19.67 ? 19  DT  B "C5'" 1 
ATOM   369 C "C4'" . DT  B 1 7  ? -4.615  -3.732  -3.453  1.00 17.02 ? 19  DT  B "C4'" 1 
ATOM   370 O "O4'" . DT  B 1 7  ? -3.384  -3.093  -3.029  1.00 15.36 ? 19  DT  B "O4'" 1 
ATOM   371 C "C3'" . DT  B 1 7  ? -5.466  -2.651  -4.135  1.00 15.96 ? 19  DT  B "C3'" 1 
ATOM   372 O "O3'" . DT  B 1 7  ? -6.755  -2.580  -3.491  1.00 17.47 ? 19  DT  B "O3'" 1 
ATOM   373 C "C2'" . DT  B 1 7  ? -4.634  -1.379  -4.015  1.00 14.84 ? 19  DT  B "C2'" 1 
ATOM   374 C "C1'" . DT  B 1 7  ? -3.624  -1.699  -2.909  1.00 14.47 ? 19  DT  B "C1'" 1 
ATOM   375 N N1    . DT  B 1 7  ? -2.314  -0.990  -2.978  1.00 13.27 ? 19  DT  B N1    1 
ATOM   376 C C2    . DT  B 1 7  ? -1.964  -0.133  -1.926  1.00 11.45 ? 19  DT  B C2    1 
ATOM   377 O O2    . DT  B 1 7  ? -2.707  0.088   -0.979  1.00 13.15 ? 19  DT  B O2    1 
ATOM   378 N N3    . DT  B 1 7  ? -0.718  0.440   -2.029  1.00 12.28 ? 19  DT  B N3    1 
ATOM   379 C C4    . DT  B 1 7  ? 0.207   0.267   -3.052  1.00 11.53 ? 19  DT  B C4    1 
ATOM   380 O O4    . DT  B 1 7  ? 1.300   0.847   -3.003  1.00 13.63 ? 19  DT  B O4    1 
ATOM   381 C C5    . DT  B 1 7  ? -0.226  -0.629  -4.130  1.00 12.78 ? 19  DT  B C5    1 
ATOM   382 C C7    . DT  B 1 7  ? 0.695   -0.869  -5.283  1.00 13.93 ? 19  DT  B C7    1 
ATOM   383 C C6    . DT  B 1 7  ? -1.447  -1.196  -4.034  1.00 12.74 ? 19  DT  B C6    1 
ATOM   384 P P     . DT  B 1 8  ? -7.818  -1.411  -3.871  1.00 18.69 ? 20  DT  B P     1 
ATOM   385 O OP1   . DT  B 1 8  ? -9.159  -1.934  -3.542  1.00 20.28 ? 20  DT  B OP1   1 
ATOM   386 O OP2   . DT  B 1 8  ? -7.561  -0.834  -5.224  1.00 16.72 ? 20  DT  B OP2   1 
ATOM   387 O "O5'" . DT  B 1 8  ? -7.532  -0.267  -2.796  1.00 16.35 ? 20  DT  B "O5'" 1 
ATOM   388 C "C5'" . DT  B 1 8  ? -7.480  -0.545  -1.396  1.00 16.70 ? 20  DT  B "C5'" 1 
ATOM   389 C "C4'" . DT  B 1 8  ? -7.134  0.712   -0.621  1.00 14.01 ? 20  DT  B "C4'" 1 
ATOM   390 O "O4'" . DT  B 1 8  ? -5.772  1.122   -0.919  1.00 13.76 ? 20  DT  B "O4'" 1 
ATOM   391 C "C3'" . DT  B 1 8  ? -8.027  1.934   -0.902  1.00 16.36 ? 20  DT  B "C3'" 1 
ATOM   392 O "O3'" . DT  B 1 8  ? -8.589  2.420   0.345   1.00 19.21 ? 20  DT  B "O3'" 1 
ATOM   393 C "C2'" . DT  B 1 8  ? -7.088  2.943   -1.569  1.00 14.85 ? 20  DT  B "C2'" 1 
ATOM   394 C "C1'" . DT  B 1 8  ? -5.717  2.547   -1.045  1.00 13.11 ? 20  DT  B "C1'" 1 
ATOM   395 N N1    . DT  B 1 8  ? -4.544  2.867   -1.913  1.00 12.17 ? 20  DT  B N1    1 
ATOM   396 C C2    . DT  B 1 8  ? -3.503  3.639   -1.409  1.00 11.74 ? 20  DT  B C2    1 
ATOM   397 O O2    . DT  B 1 8  ? -3.537  4.190   -0.318  1.00 13.32 ? 20  DT  B O2    1 
ATOM   398 N N3    . DT  B 1 8  ? -2.397  3.732   -2.235  1.00 10.43 ? 20  DT  B N3    1 
ATOM   399 C C4    . DT  B 1 8  ? -2.242  3.161   -3.498  1.00 10.56 ? 20  DT  B C4    1 
ATOM   400 O O4    . DT  B 1 8  ? -1.179  3.314   -4.116  1.00 11.40 ? 20  DT  B O4    1 
ATOM   401 C C5    . DT  B 1 8  ? -3.381  2.410   -3.978  1.00 11.21 ? 20  DT  B C5    1 
ATOM   402 C C7    . DT  B 1 8  ? -3.320  1.798   -5.341  1.00 13.03 ? 20  DT  B C7    1 
ATOM   403 C C6    . DT  B 1 8  ? -4.462  2.308   -3.184  1.00 11.12 ? 20  DT  B C6    1 
ATOM   404 P P     . DT  B 1 9  ? -9.519  3.753   0.374   1.00 19.89 ? 21  DT  B P     1 
ATOM   405 O OP1   . DT  B 1 9  ? -10.462 3.581   1.503   1.00 26.54 ? 21  DT  B OP1   1 
ATOM   406 O OP2   . DT  B 1 9  ? -10.050 4.045   -0.969  1.00 24.36 ? 21  DT  B OP2   1 
ATOM   407 O "O5'" . DT  B 1 9  ? -8.495  4.930   0.739   1.00 18.83 ? 21  DT  B "O5'" 1 
ATOM   408 C "C5'" . DT  B 1 9  ? -7.777  4.903   1.969   1.00 17.56 ? 21  DT  B "C5'" 1 
ATOM   409 C "C4'" . DT  B 1 9  ? -6.870  6.106   2.094   1.00 14.70 ? 21  DT  B "C4'" 1 
ATOM   410 O "O4'" . DT  B 1 9  ? -5.832  6.082   1.078   1.00 15.51 ? 21  DT  B "O4'" 1 
ATOM   411 C "C3'" . DT  B 1 9  ? -7.564  7.466   1.986   1.00 16.55 ? 21  DT  B "C3'" 1 
ATOM   412 O "O3'" . DT  B 1 9  ? -7.168  8.286   3.111   1.00 17.57 ? 21  DT  B "O3'" 1 
ATOM   413 C "C2'" . DT  B 1 9  ? -7.064  8.013   0.652   1.00 16.37 ? 21  DT  B "C2'" 1 
ATOM   414 C "C1'" . DT  B 1 9  ? -5.689  7.379   0.523   1.00 15.35 ? 21  DT  B "C1'" 1 
ATOM   415 N N1    . DT  B 1 9  ? -5.171  7.190   -0.853  1.00 14.78 ? 21  DT  B N1    1 
ATOM   416 C C2    . DT  B 1 9  ? -3.894  7.623   -1.128  1.00 14.65 ? 21  DT  B C2    1 
ATOM   417 O O2    . DT  B 1 9  ? -3.222  8.265   -0.335  1.00 15.55 ? 21  DT  B O2    1 
ATOM   418 N N3    . DT  B 1 9  ? -3.420  7.265   -2.367  1.00 12.72 ? 21  DT  B N3    1 
ATOM   419 C C4    . DT  B 1 9  ? -4.082  6.554   -3.345  1.00 13.69 ? 21  DT  B C4    1 
ATOM   420 O O4    . DT  B 1 9  ? -3.508  6.286   -4.401  1.00 13.86 ? 21  DT  B O4    1 
ATOM   421 C C5    . DT  B 1 9  ? -5.437  6.173   -3.015  1.00 13.69 ? 21  DT  B C5    1 
ATOM   422 C C7    . DT  B 1 9  ? -6.251  5.442   -4.040  1.00 13.66 ? 21  DT  B C7    1 
ATOM   423 C C6    . DT  B 1 9  ? -5.914  6.514   -1.804  1.00 14.44 ? 21  DT  B C6    1 
ATOM   424 P P     . DG  B 1 10 ? -8.116  9.505   3.618   1.00 16.24 ? 22  DG  B P     1 
ATOM   425 O OP1   . DG  B 1 10 ? -7.696  9.812   5.028   1.00 19.88 ? 22  DG  B OP1   1 
ATOM   426 O OP2   . DG  B 1 10 ? -9.546  9.221   3.302   1.00 19.01 ? 22  DG  B OP2   1 
ATOM   427 O "O5'" . DG  B 1 10 ? -7.701  10.709  2.664   1.00 15.85 ? 22  DG  B "O5'" 1 
ATOM   428 C "C5'" . DG  B 1 10 ? -6.444  11.368  2.788   1.00 15.68 ? 22  DG  B "C5'" 1 
ATOM   429 C "C4'" . DG  B 1 10 ? -6.189  12.215  1.558   1.00 16.42 ? 22  DG  B "C4'" 1 
ATOM   430 O "O4'" . DG  B 1 10 ? -5.873  11.355  0.429   1.00 15.20 ? 22  DG  B "O4'" 1 
ATOM   431 C "C3'" . DG  B 1 10 ? -7.346  13.116  1.085   1.00 17.05 ? 22  DG  B "C3'" 1 
ATOM   432 O "O3'" . DG  B 1 10 ? -6.793  14.413  0.772   1.00 18.71 ? 22  DG  B "O3'" 1 
ATOM   433 C "C2'" . DG  B 1 10 ? -7.806  12.433  -0.199  1.00 14.81 ? 22  DG  B "C2'" 1 
ATOM   434 C "C1'" . DG  B 1 10 ? -6.457  11.953  -0.706  1.00 14.91 ? 22  DG  B "C1'" 1 
ATOM   435 N N9    . DG  B 1 10 ? -6.400  11.023  -1.837  1.00 14.31 ? 22  DG  B N9    1 
ATOM   436 C C8    . DG  B 1 10 ? -7.386  10.197  -2.343  1.00 13.75 ? 22  DG  B C8    1 
ATOM   437 N N7    . DG  B 1 10 ? -7.008  9.541   -3.412  1.00 13.76 ? 22  DG  B N7    1 
ATOM   438 C C5    . DG  B 1 10 ? -5.690  9.950   -3.625  1.00 12.96 ? 22  DG  B C5    1 
ATOM   439 C C6    . DG  B 1 10 ? -4.746  9.606   -4.649  1.00 12.02 ? 22  DG  B C6    1 
ATOM   440 O O6    . DG  B 1 10 ? -4.902  8.863   -5.640  1.00 12.94 ? 22  DG  B O6    1 
ATOM   441 N N1    . DG  B 1 10 ? -3.517  10.250  -4.459  1.00 12.51 ? 22  DG  B N1    1 
ATOM   442 C C2    . DG  B 1 10 ? -3.237  11.133  -3.449  1.00 11.86 ? 22  DG  B C2    1 
ATOM   443 N N2    . DG  B 1 10 ? -2.007  11.676  -3.465  1.00 14.15 ? 22  DG  B N2    1 
ATOM   444 N N3    . DG  B 1 10 ? -4.100  11.473  -2.498  1.00 12.36 ? 22  DG  B N3    1 
ATOM   445 C C4    . DG  B 1 10 ? -5.297  10.848  -2.648  1.00 12.10 ? 22  DG  B C4    1 
ATOM   446 P P     . DC  B 1 11 ? -7.705  15.759  0.866   1.00 21.70 ? 23  DC  B P     1 
ATOM   447 O OP1   . DC  B 1 11 ? -8.094  16.000  2.270   1.00 24.87 ? 23  DC  B OP1   1 
ATOM   448 O OP2   . DC  B 1 11 ? -8.759  15.734  -0.200  1.00 23.64 ? 23  DC  B OP2   1 
ATOM   449 O "O5'" . DC  B 1 11 ? -6.620  16.868  0.456   1.00 20.88 ? 23  DC  B "O5'" 1 
ATOM   450 C "C5'" . DC  B 1 11 ? -5.348  16.951  1.122   1.00 17.76 ? 23  DC  B "C5'" 1 
ATOM   451 C "C4'" . DC  B 1 11 ? -4.259  17.419  0.173   1.00 18.87 ? 23  DC  B "C4'" 1 
ATOM   452 O "O4'" . DC  B 1 11 ? -3.943  16.391  -0.803  1.00 19.10 ? 23  DC  B "O4'" 1 
ATOM   453 C "C3'" . DC  B 1 11 ? -4.558  18.691  -0.615  1.00 19.16 ? 23  DC  B "C3'" 1 
ATOM   454 O "O3'" . DC  B 1 11 ? -3.433  19.595  -0.579  1.00 19.97 ? 23  DC  B "O3'" 1 
ATOM   455 C "C2'" . DC  B 1 11 ? -4.841  18.187  -2.025  1.00 19.05 ? 23  DC  B "C2'" 1 
ATOM   456 C "C1'" . DC  B 1 11 ? -4.069  16.874  -2.130  1.00 18.64 ? 23  DC  B "C1'" 1 
ATOM   457 N N1    . DC  B 1 11 ? -4.740  15.817  -2.921  1.00 16.66 ? 23  DC  B N1    1 
ATOM   458 C C2    . DC  B 1 11 ? -4.051  15.196  -3.980  1.00 14.54 ? 23  DC  B C2    1 
ATOM   459 O O2    . DC  B 1 11 ? -2.887  15.541  -4.228  1.00 13.61 ? 23  DC  B O2    1 
ATOM   460 N N3    . DC  B 1 11 ? -4.674  14.231  -4.711  1.00 13.21 ? 23  DC  B N3    1 
ATOM   461 C C4    . DC  B 1 11 ? -5.929  13.870  -4.424  1.00 14.22 ? 23  DC  B C4    1 
ATOM   462 N N4    . DC  B 1 11 ? -6.509  12.901  -5.187  1.00 14.00 ? 23  DC  B N4    1 
ATOM   463 C C5    . DC  B 1 11 ? -6.658  14.476  -3.351  1.00 14.07 ? 23  DC  B C5    1 
ATOM   464 C C6    . DC  B 1 11 ? -6.027  15.442  -2.629  1.00 15.51 ? 23  DC  B C6    1 
ATOM   465 P P     . DG  B 1 12 ? -3.597  21.086  -1.168  1.00 21.40 ? 24  DG  B P     1 
ATOM   466 O OP1   . DG  B 1 12 ? -2.574  21.936  -0.506  1.00 20.45 ? 24  DG  B OP1   1 
ATOM   467 O OP2   . DG  B 1 12 ? -5.019  21.429  -1.049  1.00 19.43 ? 24  DG  B OP2   1 
ATOM   468 O "O5'" . DG  B 1 12 ? -3.230  20.936  -2.713  1.00 17.79 ? 24  DG  B "O5'" 1 
ATOM   469 C "C5'" . DG  B 1 12 ? -1.899  20.663  -3.113  1.00 15.95 ? 24  DG  B "C5'" 1 
ATOM   470 C "C4'" . DG  B 1 12 ? -1.874  20.103  -4.517  1.00 13.10 ? 24  DG  B "C4'" 1 
ATOM   471 O "O4'" . DG  B 1 12 ? -2.670  18.905  -4.612  1.00 14.73 ? 24  DG  B "O4'" 1 
ATOM   472 C "C3'" . DG  B 1 12 ? -2.469  20.994  -5.587  1.00 14.45 ? 24  DG  B "C3'" 1 
ATOM   473 O "O3'" . DG  B 1 12 ? -1.551  22.025  -5.980  1.00 17.22 ? 24  DG  B "O3'" 1 
ATOM   474 C "C2'" . DG  B 1 12 ? -2.712  20.003  -6.718  1.00 14.37 ? 24  DG  B "C2'" 1 
ATOM   475 C "C1'" . DG  B 1 12 ? -2.879  18.659  -6.004  1.00 13.74 ? 24  DG  B "C1'" 1 
ATOM   476 N N9    . DG  B 1 12 ? -4.193  18.036  -6.157  1.00 13.66 ? 24  DG  B N9    1 
ATOM   477 C C8    . DG  B 1 12 ? -5.321  18.281  -5.403  1.00 14.11 ? 24  DG  B C8    1 
ATOM   478 N N7    . DG  B 1 12 ? -6.344  17.541  -5.758  1.00 14.53 ? 24  DG  B N7    1 
ATOM   479 C C5    . DG  B 1 12 ? -5.861  16.766  -6.816  1.00 12.17 ? 24  DG  B C5    1 
ATOM   480 C C6    . DG  B 1 12 ? -6.509  15.764  -7.615  1.00 13.45 ? 24  DG  B C6    1 
ATOM   481 O O6    . DG  B 1 12 ? -7.682  15.353  -7.548  1.00 14.79 ? 24  DG  B O6    1 
ATOM   482 N N1    . DG  B 1 12 ? -5.640  15.227  -8.572  1.00 12.40 ? 24  DG  B N1    1 
ATOM   483 C C2    . DG  B 1 12 ? -4.322  15.613  -8.755  1.00 10.66 ? 24  DG  B C2    1 
ATOM   484 N N2    . DG  B 1 12 ? -3.635  15.020  -9.762  1.00 11.62 ? 24  DG  B N2    1 
ATOM   485 N N3    . DG  B 1 12 ? -3.719  16.533  -8.012  1.00 11.32 ? 24  DG  B N3    1 
ATOM   486 C C4    . DG  B 1 12 ? -4.538  17.061  -7.075  1.00 12.33 ? 24  DG  B C4    1 
HETATM 487 N N1    . SPM C 2 .  ? -5.572  9.078   -8.552  1.00 17.38 ? 26  SPM A N1    1 
HETATM 488 C C2    . SPM C 2 .  ? -6.635  9.834   -9.292  1.00 20.94 ? 26  SPM A C2    1 
HETATM 489 C C3    . SPM C 2 .  ? -8.020  9.488   -8.854  1.00 22.93 ? 26  SPM A C3    1 
HETATM 490 C C4    . SPM C 2 .  ? -8.188  9.679   -7.344  1.00 26.18 ? 26  SPM A C4    1 
HETATM 491 N N5    . SPM C 2 .  ? -9.243  10.736  -7.016  1.00 27.98 ? 26  SPM A N5    1 
HETATM 492 C C6    . SPM C 2 .  ? -10.640 10.439  -7.485  1.00 30.83 ? 26  SPM A C6    1 
HETATM 493 C C7    . SPM C 2 .  ? -10.920 11.302  -8.700  1.00 30.99 ? 26  SPM A C7    1 
HETATM 494 C C8    . SPM C 2 .  ? -11.822 12.511  -8.359  1.00 31.69 ? 26  SPM A C8    1 
HETATM 495 N N1    . SPM D 2 .  ? 1.778   -10.973 9.187   1.00 17.65 ? 25  SPM B N1    1 
HETATM 496 C C2    . SPM D 2 .  ? 1.049   -12.239 9.528   1.00 19.65 ? 25  SPM B C2    1 
HETATM 497 C C3    . SPM D 2 .  ? -0.188  -12.407 8.675   1.00 21.63 ? 25  SPM B C3    1 
HETATM 498 C C4    . SPM D 2 .  ? -0.885  -13.736 8.937   1.00 22.33 ? 25  SPM B C4    1 
HETATM 499 N N5    . SPM D 2 .  ? -2.134  -13.825 8.059   1.00 23.52 ? 25  SPM B N5    1 
HETATM 500 C C6    . SPM D 2 .  ? -3.329  -13.139 8.646   1.00 22.03 ? 25  SPM B C6    1 
HETATM 501 C C7    . SPM D 2 .  ? -4.564  -13.520 7.859   1.00 23.44 ? 25  SPM B C7    1 
HETATM 502 C C8    . SPM D 2 .  ? -5.778  -13.589 8.808   0.00 23.22 ? 25  SPM B C8    1 
HETATM 503 O O     . HOH E 3 .  ? 0.523   1.174   8.563   1.00 22.57 ? 27  HOH A O     1 
HETATM 504 O O     . HOH E 3 .  ? -4.183  -0.618  1.397   1.00 15.92 ? 29  HOH A O     1 
HETATM 505 O O     . HOH E 3 .  ? 0.147   -7.978  -1.172  1.00 15.69 ? 30  HOH A O     1 
HETATM 506 O O     . HOH E 3 .  ? -1.555  -15.432 5.203   1.00 16.18 ? 31  HOH A O     1 
HETATM 507 O O     . HOH E 3 .  ? -5.137  -3.186  0.428   1.00 20.08 ? 33  HOH A O     1 
HETATM 508 O O     . HOH E 3 .  ? -3.699  4.096   2.556   1.00 16.34 ? 34  HOH A O     1 
HETATM 509 O O     . HOH E 3 .  ? 7.130   8.112   5.569   1.00 41.98 ? 36  HOH A O     1 
HETATM 510 O O     . HOH E 3 .  ? 11.543  -18.179 -1.955  1.00 27.33 ? 37  HOH A O     1 
HETATM 511 O O     . HOH E 3 .  ? -2.163  -9.361  9.564   1.00 21.62 ? 41  HOH A O     1 
HETATM 512 O O     . HOH E 3 .  ? 0.977   -6.043  8.524   1.00 18.43 ? 42  HOH A O     1 
HETATM 513 O O     . HOH E 3 .  ? -2.869  -4.862  -0.308  1.00 17.75 ? 43  HOH A O     1 
HETATM 514 O O     . HOH E 3 .  ? -5.312  1.510   2.994   1.00 21.81 ? 44  HOH A O     1 
HETATM 515 O O     . HOH E 3 .  ? -7.960  1.429   3.985   1.00 25.94 ? 45  HOH A O     1 
HETATM 516 O O     . HOH E 3 .  ? -8.854  -1.405  2.445   1.00 29.96 ? 46  HOH A O     1 
HETATM 517 O O     . HOH E 3 .  ? -2.587  -7.158  -1.777  1.00 24.40 ? 48  HOH A O     1 
HETATM 518 O O     . HOH E 3 .  ? -0.919  -4.616  9.966   1.00 19.16 ? 49  HOH A O     1 
HETATM 519 O O     . HOH E 3 .  ? -3.162  -3.860  8.485   1.00 16.17 ? 50  HOH A O     1 
HETATM 520 O O     . HOH E 3 .  ? -1.514  -0.337  9.712   1.00 20.62 ? 52  HOH A O     1 
HETATM 521 O O     . HOH E 3 .  ? 3.860   -1.743  6.370   1.00 22.76 ? 56  HOH A O     1 
HETATM 522 O O     . HOH E 3 .  ? 2.976   -0.294  8.617   1.00 19.69 ? 57  HOH A O     1 
HETATM 523 O O     . HOH E 3 .  ? -3.442  6.541   3.928   1.00 27.31 ? 58  HOH A O     1 
HETATM 524 O O     . HOH E 3 .  ? 9.092   -21.994 -1.132  1.00 18.85 ? 61  HOH A O     1 
HETATM 525 O O     . HOH E 3 .  ? 1.982   -11.520 -0.117  1.00 16.09 ? 64  HOH A O     1 
HETATM 526 O O     . HOH E 3 .  ? 5.333   2.332   -0.509  1.00 24.33 ? 65  HOH A O     1 
HETATM 527 O O     . HOH E 3 .  ? 0.804   3.637   9.300   1.00 24.10 ? 67  HOH A O     1 
HETATM 528 O O     . HOH E 3 .  ? -2.753  -10.482 7.370   1.00 20.91 ? 69  HOH A O     1 
HETATM 529 O O     . HOH E 3 .  ? 3.987   5.305   6.128   1.00 22.12 ? 70  HOH A O     1 
HETATM 530 O O     . HOH E 3 .  ? 0.926   9.191   9.069   1.00 28.61 ? 71  HOH A O     1 
HETATM 531 O O     . HOH E 3 .  ? -5.287  -12.443 3.047   1.00 33.04 ? 72  HOH A O     1 
HETATM 532 O O     . HOH E 3 .  ? -4.944  -9.344  5.934   1.00 25.87 ? 79  HOH A O     1 
HETATM 533 O O     . HOH E 3 .  ? 5.191   3.643   2.035   1.00 25.88 ? 80  HOH A O     1 
HETATM 534 O O     . HOH E 3 .  ? 0.913   -19.751 1.878   1.00 24.00 ? 83  HOH A O     1 
HETATM 535 O O     . HOH E 3 .  ? -4.206  -15.240 -2.990  1.00 36.76 ? 84  HOH A O     1 
HETATM 536 O O     . HOH E 3 .  ? 3.521   4.367   8.615   1.00 25.59 ? 88  HOH A O     1 
HETATM 537 O O     . HOH E 3 .  ? -1.894  5.119   -8.622  1.00 23.58 ? 89  HOH A O     1 
HETATM 538 O O     . HOH E 3 .  ? 4.747   1.802   8.557   1.00 27.36 ? 91  HOH A O     1 
HETATM 539 O O     . HOH E 3 .  ? 0.355   -10.346 -2.610  1.00 37.91 ? 92  HOH A O     1 
HETATM 540 O O     . HOH E 3 .  ? -4.283  -14.919 4.133   1.00 29.75 ? 93  HOH A O     1 
HETATM 541 O O     . HOH E 3 .  ? 3.180   -19.429 -2.757  1.00 28.14 ? 94  HOH A O     1 
HETATM 542 O O     . HOH E 3 .  ? 8.652   12.148  -8.868  1.00 29.19 ? 95  HOH A O     1 
HETATM 543 O O     . HOH E 3 .  ? -4.193  -8.793  -3.162  1.00 32.34 ? 98  HOH A O     1 
HETATM 544 O O     . HOH E 3 .  ? 7.156   5.815   2.268   1.00 34.71 ? 100 HOH A O     1 
HETATM 545 O O     . HOH E 3 .  ? 7.224   14.203  0.308   1.00 34.55 ? 101 HOH A O     1 
HETATM 546 O O     . HOH E 3 .  ? 1.225   9.839   -17.156 1.00 39.65 ? 102 HOH A O     1 
HETATM 547 O O     . HOH E 3 .  ? 6.700   -14.378 -6.285  1.00 35.60 ? 106 HOH A O     1 
HETATM 548 O O     . HOH E 3 .  ? 5.201   11.651  -15.512 1.00 37.63 ? 108 HOH A O     1 
HETATM 549 O O     . HOH E 3 .  ? 4.101   -21.019 -0.758  1.00 31.40 ? 112 HOH A O     1 
HETATM 550 O O     . HOH E 3 .  ? 8.700   -17.693 -5.551  1.00 48.60 ? 113 HOH A O     1 
HETATM 551 O O     . HOH E 3 .  ? 2.484   12.731  6.234   1.00 30.59 ? 114 HOH A O     1 
HETATM 552 O O     . HOH E 3 .  ? 6.260   1.651   6.647   1.00 39.87 ? 119 HOH A O     1 
HETATM 553 O O     . HOH E 3 .  ? 4.390   10.941  9.077   1.00 25.39 ? 120 HOH A O     1 
HETATM 554 O O     . HOH E 3 .  ? 7.657   11.613  -11.446 1.00 34.00 ? 121 HOH A O     1 
HETATM 555 O O     . HOH E 3 .  ? -3.957  8.455   8.086   1.00 29.02 ? 122 HOH A O     1 
HETATM 556 O O     . HOH E 3 .  ? -2.734  7.524   -13.313 1.00 33.54 ? 124 HOH A O     1 
HETATM 557 O O     . HOH E 3 .  ? 5.514   1.023   2.957   1.00 29.68 ? 126 HOH A O     1 
HETATM 558 O O     . HOH E 3 .  ? 3.124   -17.696 -6.056  1.00 37.51 ? 127 HOH A O     1 
HETATM 559 O O     . HOH E 3 .  ? -7.715  3.868   8.225   1.00 38.63 ? 128 HOH A O     1 
HETATM 560 O O     . HOH E 3 .  ? 6.453   -21.776 -2.424  1.00 29.79 ? 129 HOH A O     1 
HETATM 561 O O     . HOH E 3 .  ? -5.260  -5.867  8.336   1.00 26.30 ? 130 HOH A O     1 
HETATM 562 O O     . HOH E 3 .  ? 2.592   5.714   -6.546  1.00 47.11 ? 136 HOH A O     1 
HETATM 563 O O     . HOH E 3 .  ? -14.222 14.778  -10.260 1.00 42.20 ? 141 HOH A O     1 
HETATM 564 O O     . HOH E 3 .  ? -4.121  11.558  -18.539 1.00 41.80 ? 142 HOH A O     1 
HETATM 565 O O     . HOH E 3 .  ? -6.290  12.544  -17.307 1.00 41.33 ? 143 HOH A O     1 
HETATM 566 O O     . HOH E 3 .  ? 9.955   12.098  -2.485  1.00 40.50 ? 144 HOH A O     1 
HETATM 567 O O     . HOH E 3 .  ? 0.333   5.116   -7.205  1.00 31.94 ? 150 HOH A O     1 
HETATM 568 O O     . HOH E 3 .  ? -6.625  -10.809 4.915   1.00 36.11 ? 152 HOH A O     1 
HETATM 569 O O     . HOH E 3 .  ? -4.253  -7.417  10.316  1.00 37.37 ? 155 HOH A O     1 
HETATM 570 O O     . HOH E 3 .  ? 2.514   6.173   -9.092  1.00 38.41 ? 156 HOH A O     1 
HETATM 571 O O     . HOH E 3 .  ? 0.813   -19.253 -0.932  1.00 33.22 ? 157 HOH A O     1 
HETATM 572 O O     . HOH E 3 .  ? 3.411   7.748   -10.519 1.00 44.04 ? 162 HOH A O     1 
HETATM 573 O O     . HOH E 3 .  ? -1.988  -21.219 1.692   1.00 49.83 ? 170 HOH A O     1 
HETATM 574 O O     . HOH E 3 .  ? -4.489  -21.054 -6.138  1.00 43.50 ? 171 HOH A O     1 
HETATM 575 O O     . HOH E 3 .  ? 0.958   6.687   -14.987 1.00 47.24 ? 173 HOH A O     1 
HETATM 576 O O     . HOH E 3 .  ? 7.316   7.520   -0.053  1.00 32.13 ? 174 HOH A O     1 
HETATM 577 O O     . HOH E 3 .  ? -5.639  -15.586 -0.647  1.00 51.16 ? 181 HOH A O     1 
HETATM 578 O O     . HOH E 3 .  ? -9.078  -3.947  7.253   1.00 46.43 ? 183 HOH A O     1 
HETATM 579 O O     . HOH E 3 .  ? 4.921   4.879   -2.682  1.00 45.48 ? 185 HOH A O     1 
HETATM 580 O O     . HOH E 3 .  ? 3.750   3.861   -4.754  1.00 35.25 ? 187 HOH A O     1 
HETATM 581 O O     . HOH E 3 .  ? 9.219   5.449   9.168   1.00 47.02 ? 188 HOH A O     1 
HETATM 582 O O     . HOH E 3 .  ? -2.649  -23.614 0.718   1.00 49.98 ? 189 HOH A O     1 
HETATM 583 O O     . HOH E 3 .  ? -0.599  -11.633 -4.597  1.00 44.23 ? 192 HOH A O     1 
HETATM 584 O O     . HOH E 3 .  ? -12.439 -0.638  9.621   1.00 43.10 ? 193 HOH A O     1 
HETATM 585 O O     . HOH E 3 .  ? -9.827  -2.202  4.978   1.00 51.54 ? 194 HOH A O     1 
HETATM 586 O O     . HOH E 3 .  ? 14.248  14.017  1.675   1.00 49.51 ? 197 HOH A O     1 
HETATM 587 O O     . HOH E 3 .  ? -5.505  -12.817 -3.793  1.00 48.58 ? 199 HOH A O     1 
HETATM 588 O O     . HOH E 3 .  ? 0.186   -20.147 6.093   1.00 47.46 ? 202 HOH A O     1 
HETATM 589 O O     . HOH F 3 .  ? -7.207  1.937   -5.244  1.00 19.36 ? 28  HOH B O     1 
HETATM 590 O O     . HOH F 3 .  ? -9.461  12.518  -4.431  1.00 17.66 ? 32  HOH B O     1 
HETATM 591 O O     . HOH F 3 .  ? -6.677  20.558  -2.924  1.00 35.49 ? 35  HOH B O     1 
HETATM 592 O O     . HOH F 3 .  ? -11.171 11.784  -2.222  1.00 37.13 ? 38  HOH B O     1 
HETATM 593 O O     . HOH F 3 .  ? 0.381   -8.435  9.919   1.00 21.01 ? 39  HOH B O     1 
HETATM 594 O O     . HOH F 3 .  ? -9.827  15.308  -5.664  1.00 29.51 ? 40  HOH B O     1 
HETATM 595 O O     . HOH F 3 .  ? -8.013  -3.540  0.634   1.00 30.71 ? 47  HOH B O     1 
HETATM 596 O O     . HOH F 3 .  ? 15.633  -8.926  10.933  1.00 19.37 ? 51  HOH B O     1 
HETATM 597 O O     . HOH F 3 .  ? 17.436  -8.475  8.759   1.00 28.01 ? 53  HOH B O     1 
HETATM 598 O O     . HOH F 3 .  ? 3.334   -4.684  9.167   1.00 26.04 ? 54  HOH B O     1 
HETATM 599 O O     . HOH F 3 .  ? 4.836   -4.210  7.246   1.00 24.22 ? 55  HOH B O     1 
HETATM 600 O O     . HOH F 3 .  ? -1.706  8.276   2.219   1.00 21.70 ? 59  HOH B O     1 
HETATM 601 O O     . HOH F 3 .  ? 0.198   10.544  2.719   1.00 25.58 ? 60  HOH B O     1 
HETATM 602 O O     . HOH F 3 .  ? -2.966  11.040  0.655   1.00 28.37 ? 62  HOH B O     1 
HETATM 603 O O     . HOH F 3 .  ? -4.236  5.126   -6.860  1.00 18.24 ? 63  HOH B O     1 
HETATM 604 O O     . HOH F 3 .  ? -0.157  23.988  -4.226  1.00 20.88 ? 66  HOH B O     1 
HETATM 605 O O     . HOH F 3 .  ? -1.554  -18.057 9.316   1.00 24.60 ? 68  HOH B O     1 
HETATM 606 O O     . HOH F 3 .  ? 5.156   -1.887  -3.525  1.00 30.22 ? 73  HOH B O     1 
HETATM 607 O O     . HOH F 3 .  ? 5.704   -0.392  -1.261  1.00 27.35 ? 74  HOH B O     1 
HETATM 608 O O     . HOH F 3 .  ? -10.907 2.589   -3.032  1.00 30.14 ? 75  HOH B O     1 
HETATM 609 O O     . HOH F 3 .  ? 3.607   -7.154  10.793  1.00 24.43 ? 76  HOH B O     1 
HETATM 610 O O     . HOH F 3 .  ? 3.033   -9.582  12.135  1.00 30.50 ? 77  HOH B O     1 
HETATM 611 O O     . HOH F 3 .  ? 6.820   -7.171  11.528  1.00 33.64 ? 78  HOH B O     1 
HETATM 612 O O     . HOH F 3 .  ? 9.233   -6.820  10.253  1.00 30.20 ? 81  HOH B O     1 
HETATM 613 O O     . HOH F 3 .  ? 14.939  -8.414  7.230   1.00 28.73 ? 82  HOH B O     1 
HETATM 614 O O     . HOH F 3 .  ? -6.081  3.163   -7.365  1.00 24.63 ? 85  HOH B O     1 
HETATM 615 O O     . HOH F 3 .  ? 6.629   -1.656  2.830   1.00 36.02 ? 86  HOH B O     1 
HETATM 616 O O     . HOH F 3 .  ? -4.909  -8.494  -5.589  1.00 32.68 ? 87  HOH B O     1 
HETATM 617 O O     . HOH F 3 .  ? -6.488  20.394  2.687   1.00 34.26 ? 90  HOH B O     1 
HETATM 618 O O     . HOH F 3 .  ? -10.146 13.688  3.757   1.00 46.91 ? 96  HOH B O     1 
HETATM 619 O O     . HOH F 3 .  ? 11.552  -4.400  6.765   1.00 42.93 ? 97  HOH B O     1 
HETATM 620 O O     . HOH F 3 .  ? 7.245   -4.104  6.196   1.00 33.99 ? 99  HOH B O     1 
HETATM 621 O O     . HOH F 3 .  ? -11.253 14.740  -0.950  1.00 42.40 ? 103 HOH B O     1 
HETATM 622 O O     . HOH F 3 .  ? -4.133  24.537  0.574   1.00 41.47 ? 104 HOH B O     1 
HETATM 623 O O     . HOH F 3 .  ? -0.126  2.790   -6.582  1.00 27.79 ? 105 HOH B O     1 
HETATM 624 O O     . HOH F 3 .  ? 0.039   23.331  -1.409  1.00 31.20 ? 107 HOH B O     1 
HETATM 625 O O     . HOH F 3 .  ? 3.556   1.092   -4.305  1.00 29.78 ? 109 HOH B O     1 
HETATM 626 O O     . HOH F 3 .  ? -8.841  8.025   -4.857  1.00 26.36 ? 110 HOH B O     1 
HETATM 627 O O     . HOH F 3 .  ? -2.843  -1.621  -7.197  1.00 26.49 ? 111 HOH B O     1 
HETATM 628 O O     . HOH F 3 .  ? -10.416 8.864   -1.320  1.00 31.75 ? 115 HOH B O     1 
HETATM 629 O O     . HOH F 3 .  ? -8.764  14.077  6.141   1.00 48.18 ? 116 HOH B O     1 
HETATM 630 O O     . HOH F 3 .  ? -11.160 -0.134  -2.275  1.00 35.46 ? 117 HOH B O     1 
HETATM 631 O O     . HOH F 3 .  ? -9.518  6.639   -1.860  1.00 32.16 ? 118 HOH B O     1 
HETATM 632 O O     . HOH F 3 .  ? 9.125   -5.157  7.985   1.00 33.30 ? 123 HOH B O     1 
HETATM 633 O O     . HOH F 3 .  ? -9.487  16.254  -9.499  1.00 48.76 ? 125 HOH B O     1 
HETATM 634 O O     . HOH F 3 .  ? -8.424  18.545  -4.113  1.00 31.94 ? 131 HOH B O     1 
HETATM 635 O O     . HOH F 3 .  ? -12.760 17.481  -3.230  1.00 43.22 ? 134 HOH B O     1 
HETATM 636 O O     . HOH F 3 .  ? 9.100   -10.212 16.479  1.00 39.74 ? 135 HOH B O     1 
HETATM 637 O O     . HOH F 3 .  ? -1.369  0.593   -8.331  1.00 36.15 ? 137 HOH B O     1 
HETATM 638 O O     . HOH F 3 .  ? -0.548  -5.393  -9.440  1.00 39.63 ? 138 HOH B O     1 
HETATM 639 O O     . HOH F 3 .  ? 14.528  -7.572  0.188   1.00 51.39 ? 139 HOH B O     1 
HETATM 640 O O     . HOH F 3 .  ? 12.361  -3.659  -1.317  1.00 41.12 ? 140 HOH B O     1 
HETATM 641 O O     . HOH F 3 .  ? -4.887  7.955   5.730   1.00 38.63 ? 145 HOH B O     1 
HETATM 642 O O     . HOH F 3 .  ? 1.154   -3.446  -8.885  1.00 31.34 ? 146 HOH B O     1 
HETATM 643 O O     . HOH F 3 .  ? 0.718   -0.702  -9.470  1.00 43.32 ? 147 HOH B O     1 
HETATM 644 O O     . HOH F 3 .  ? -9.749  16.853  -2.972  1.00 38.50 ? 148 HOH B O     1 
HETATM 645 O O     . HOH F 3 .  ? -8.999  20.774  1.466   1.00 60.18 ? 149 HOH B O     1 
HETATM 646 O O     . HOH F 3 .  ? -13.655 5.684   -2.983  1.00 48.80 ? 151 HOH B O     1 
HETATM 647 O O     . HOH F 3 .  ? 11.100  -8.224  -7.967  1.00 55.68 ? 153 HOH B O     1 
HETATM 648 O O     . HOH F 3 .  ? -8.097  17.780  4.041   1.00 40.32 ? 154 HOH B O     1 
HETATM 649 O O     . HOH F 3 .  ? -9.431  -4.202  -1.526  1.00 32.67 ? 158 HOH B O     1 
HETATM 650 O O     . HOH F 3 .  ? 9.879   -3.132  2.877   1.00 29.01 ? 159 HOH B O     1 
HETATM 651 O O     . HOH F 3 .  ? 14.435  -3.756  4.059   1.00 54.51 ? 160 HOH B O     1 
HETATM 652 O O     . HOH F 3 .  ? -12.189 -0.729  -5.190  1.00 59.67 ? 161 HOH B O     1 
HETATM 653 O O     . HOH F 3 .  ? -0.609  -15.157 13.420  1.00 42.99 ? 163 HOH B O     1 
HETATM 654 O O     . HOH F 3 .  ? 2.722   -3.737  -6.848  1.00 28.27 ? 164 HOH B O     1 
HETATM 655 O O     . HOH F 3 .  ? -10.827 9.995   1.159   1.00 38.01 ? 165 HOH B O     1 
HETATM 656 O O     . HOH F 3 .  ? 0.787   -10.650 13.267  1.00 33.82 ? 166 HOH B O     1 
HETATM 657 O O     . HOH F 3 .  ? -5.338  14.741  4.415   1.00 40.85 ? 167 HOH B O     1 
HETATM 658 O O     . HOH F 3 .  ? 4.337   -2.516  -12.895 1.00 58.20 ? 168 HOH B O     1 
HETATM 659 O O     . HOH F 3 .  ? 4.681   -7.147  -10.230 1.00 53.27 ? 169 HOH B O     1 
HETATM 660 O O     . HOH F 3 .  ? -1.120  -3.085  -8.120  1.00 56.10 ? 172 HOH B O     1 
HETATM 661 O O     . HOH F 3 .  ? 7.058   -3.739  -4.424  1.00 39.01 ? 175 HOH B O     1 
HETATM 662 O O     . HOH F 3 .  ? -7.168  -6.530  -2.115  1.00 42.52 ? 176 HOH B O     1 
HETATM 663 O O     . HOH F 3 .  ? 6.809   -4.701  -6.886  1.00 48.02 ? 177 HOH B O     1 
HETATM 664 O O     . HOH F 3 .  ? -12.983 4.963   -0.692  1.00 45.18 ? 178 HOH B O     1 
HETATM 665 O O     . HOH F 3 .  ? 1.079   -13.922 14.600  1.00 51.06 ? 179 HOH B O     1 
HETATM 666 O O     . HOH F 3 .  ? 14.489  -5.903  8.028   1.00 44.40 ? 180 HOH B O     1 
HETATM 667 O O     . HOH F 3 .  ? 0.698   -8.174  -9.281  1.00 45.88 ? 182 HOH B O     1 
HETATM 668 O O     . HOH F 3 .  ? 16.102  -3.312  1.527   1.00 58.15 ? 184 HOH B O     1 
HETATM 669 O O     . HOH F 3 .  ? 0.709   -18.437 17.956  1.00 44.82 ? 186 HOH B O     1 
HETATM 670 O O     . HOH F 3 .  ? -5.795  -0.410  -7.264  1.00 42.58 ? 190 HOH B O     1 
HETATM 671 O O     . HOH F 3 .  ? 7.132   -2.032  -0.037  1.00 42.68 ? 191 HOH B O     1 
HETATM 672 O O     . HOH F 3 .  ? -11.915 5.149   3.320   1.00 43.23 ? 195 HOH B O     1 
HETATM 673 O O     . HOH F 3 .  ? 2.321   2.977   -6.969  1.00 43.53 ? 196 HOH B O     1 
HETATM 674 O O     . HOH F 3 .  ? -11.760 13.904  -5.745  1.00 50.34 ? 198 HOH B O     1 
HETATM 675 O O     . HOH F 3 .  ? -6.462  18.006  6.040   1.00 45.19 ? 200 HOH B O     1 
HETATM 676 O O     . HOH F 3 .  ? -2.981  10.662  3.807   1.00 43.81 ? 201 HOH B O     1 
# 
